data_8KD1
#
_entry.id   8KD1
#
_cell.length_a   1.00
_cell.length_b   1.00
_cell.length_c   1.00
_cell.angle_alpha   90.00
_cell.angle_beta   90.00
_cell.angle_gamma   90.00
#
_symmetry.space_group_name_H-M   'P 1'
#
loop_
_entity.id
_entity.type
_entity.pdbx_description
1 polymer 'Histone H3.1'
2 polymer 'Histone H4'
3 polymer 'Histone H2A type 1-B/E'
4 polymer 'Histone H2B type 1-J'
5 polymer 'DNA (193-MER)'
6 polymer 'DNA (193-MER)'
7 polymer 'Protein DEK'
#
loop_
_entity_poly.entity_id
_entity_poly.type
_entity_poly.pdbx_seq_one_letter_code
_entity_poly.pdbx_strand_id
1 'polypeptide(L)'
;GSHMARTKQTARKSTGGKAPRKQLATKAARKSAPATGGVKKPHRYRPGTVALREIRRYQKSTELLIRKLPFQRLVREIAQ
DFKTDLRFQSSAVMALQEACEAYLVGLFEDTNLCAIHAKRVTIMPKDIQLARRIRGERA
;
A,E
2 'polypeptide(L)'
;GSHMSGRGKGGKGLGKGGAKRHRKVLRDNIQGITKPAIRRLARRGGVKRISGLIYEETRGVLKVFLENVIRDAVTYTEHA
KRKTVTAMDVVYALKRQGRTLYGFGG
;
B,F
3 'polypeptide(L)'
;GSHMSGRGKQGGKARAKAKTRSSRAGLQFPVGRVHRLLRKGNYSERVGAGAPVYLAAVLEYLTAEILELAGNAARDNKKT
RIIPRHLQLAIRNDEELNKLLGRVTIAQGGVLPNIQAVLLPKKTESHHKAKGK
;
C,G
4 'polypeptide(L)'
;GSHMPEPAKSAPAPKKGSKKAVTKAQKKDGKKRKRSRKESYSIYVYKVLKQVHPDTGISSKAMGIMNSFVNDIFERIAGE
ASRLAHYNKRSTITSREIQTAVRLLLPGELAKHAVSEGTKAVTKYTSAK
;
D,H
5 'polydeoxyribonucleotide'
;(DA)(DT)(DC)(DA)(DC)(DG)(DT)(DA)(DA)(DT)(DA)(DT)(DT)(DG)(DG)(DC)(DC)(DA)(DG)(DC)
(DT)(DA)(DG)(DG)(DA)(DT)(DC)(DA)(DC)(DA)(DA)(DT)(DC)(DC)(DC)(DG)(DG)(DT)(DG)(DC)
(DC)(DG)(DA)(DG)(DG)(DC)(DC)(DG)(DC)(DT)(DC)(DA)(DA)(DT)(DT)(DG)(DG)(DT)(DC)(DG)
(DT)(DA)(DG)(DA)(DC)(DA)(DG)(DC)(DT)(DC)(DT)(DA)(DG)(DC)(DA)(DC)(DC)(DG)(DC)(DT)
(DT)(DA)(DA)(DA)(DC)(DG)(DC)(DA)(DC)(DG)(DT)(DA)(DC)(DG)(DG)(DA)(DA)(DT)(DC)(DC)
(DG)(DT)(DA)(DC)(DG)(DT)(DG)(DC)(DG)(DT)(DT)(DT)(DA)(DA)(DG)(DC)(DG)(DG)(DT)(DG)
(DC)(DT)(DA)(DG)(DA)(DG)(DC)(DT)(DG)(DT)(DC)(DT)(DA)(DC)(DG)(DA)(DC)(DC)(DA)(DA)
(DT)(DT)(DG)(DA)(DG)(DC)(DG)(DG)(DC)(DC)(DT)(DC)(DG)(DG)(DC)(DA)(DC)(DC)(DG)(DG)
(DG)(DA)(DT)(DT)(DG)(DT)(DG)(DA)(DT)(DC)(DC)(DT)(DA)(DG)(DC)(DT)(DG)(DG)(DC)(DC)
(DA)(DA)(DT)(DA)(DT)(DT)(DA)(DC)(DG)(DT)(DG)(DA)(DT)
;
I
6 'polydeoxyribonucleotide'
;(DA)(DT)(DC)(DA)(DC)(DG)(DT)(DA)(DA)(DT)(DA)(DT)(DT)(DG)(DG)(DC)(DC)(DA)(DG)(DC)
(DT)(DA)(DG)(DG)(DA)(DT)(DC)(DA)(DC)(DA)(DA)(DT)(DC)(DC)(DC)(DG)(DG)(DT)(DG)(DC)
(DC)(DG)(DA)(DG)(DG)(DC)(DC)(DG)(DC)(DT)(DC)(DA)(DA)(DT)(DT)(DG)(DG)(DT)(DC)(DG)
(DT)(DA)(DG)(DA)(DC)(DA)(DG)(DC)(DT)(DC)(DT)(DA)(DG)(DC)(DA)(DC)(DC)(DG)(DC)(DT)
(DT)(DA)(DA)(DA)(DC)(DG)(DC)(DA)(DC)(DG)(DT)(DA)(DC)(DG)(DG)(DA)(DT)(DT)(DC)(DC)
(DG)(DT)(DA)(DC)(DG)(DT)(DG)(DC)(DG)(DT)(DT)(DT)(DA)(DA)(DG)(DC)(DG)(DG)(DT)(DG)
(DC)(DT)(DA)(DG)(DA)(DG)(DC)(DT)(DG)(DT)(DC)(DT)(DA)(DC)(DG)(DA)(DC)(DC)(DA)(DA)
(DT)(DT)(DG)(DA)(DG)(DC)(DG)(DG)(DC)(DC)(DT)(DC)(DG)(DG)(DC)(DA)(DC)(DC)(DG)(DG)
(DG)(DA)(DT)(DT)(DG)(DT)(DG)(DA)(DT)(DC)(DC)(DT)(DA)(DG)(DC)(DT)(DG)(DG)(DC)(DC)
(DA)(DA)(DT)(DA)(DT)(DT)(DA)(DC)(DG)(DT)(DG)(DA)(DT)
;
J
7 'polypeptide(L)'
;GPGHMSASAPAAEGEGTPTQPASEKEPEMPGPREESEEEEDEDDEEEEEEEKEKSLIVEGKREKKKVERLTMQVSSLQRE
PFTIAQGKGQKLCEIERIHFFLSKKKTDELRNLHKLLYNRPGTVSSLKKNVGQFSGFPFEKGSVQYKKKEEMLKKFRNAM
LKSICEVLDLERSGVNSELVKRILNFLMHPKPSGKPLPKSKKTCSKGSKKERNSSGMARKAKRTKCPEILSDESSSDEDE
KKNKEESSDDEDKESEEEPPKKTAKREKPKQKATSKSKKSVKSANVKKADSSTTKKNQNSSKKESESEDSSDDEPLIKKL
KKPPTDEELKETIKKLLASANLEEVTMKQICKKVYENYPTYDLTERKDFIKTTVKELIS
;
K
#
# COMPACT_ATOMS: atom_id res chain seq x y z
N PRO A 42 -42.76 17.86 18.72
CA PRO A 42 -41.76 16.81 18.98
C PRO A 42 -41.18 16.26 17.68
N HIS A 43 -39.86 16.32 17.54
CA HIS A 43 -39.19 15.86 16.33
C HIS A 43 -37.89 15.17 16.70
N ARG A 44 -37.67 14.00 16.12
CA ARG A 44 -36.47 13.22 16.38
C ARG A 44 -36.15 12.38 15.16
N TYR A 45 -35.02 12.66 14.52
CA TYR A 45 -34.58 11.87 13.38
C TYR A 45 -34.28 10.43 13.76
N ARG A 46 -34.83 9.46 13.05
CA ARG A 46 -34.44 8.07 13.17
C ARG A 46 -32.92 8.01 13.05
N PRO A 47 -32.26 7.27 13.94
CA PRO A 47 -30.81 7.09 13.90
C PRO A 47 -30.31 6.64 12.54
N GLY A 48 -29.26 7.30 12.07
CA GLY A 48 -28.74 7.10 10.74
C GLY A 48 -29.25 8.05 9.68
N THR A 49 -30.28 8.84 9.95
CA THR A 49 -30.67 9.85 8.97
C THR A 49 -29.72 11.04 8.97
N VAL A 50 -29.71 11.79 10.07
CA VAL A 50 -28.78 12.90 10.22
C VAL A 50 -27.37 12.47 9.84
N ALA A 51 -26.99 11.23 10.19
CA ALA A 51 -25.68 10.74 9.77
C ALA A 51 -25.50 10.86 8.26
N LEU A 52 -26.44 10.35 7.45
CA LEU A 52 -26.41 10.44 5.99
C LEU A 52 -26.39 11.89 5.52
N ARG A 53 -27.19 12.77 6.13
CA ARG A 53 -27.12 14.20 5.82
C ARG A 53 -25.73 14.75 6.07
N GLU A 54 -25.16 14.43 7.23
CA GLU A 54 -23.80 14.80 7.57
C GLU A 54 -22.81 14.33 6.53
N ILE A 55 -22.92 13.08 6.08
CA ILE A 55 -22.01 12.60 5.04
C ILE A 55 -22.08 13.47 3.80
N ARG A 56 -23.30 13.69 3.29
CA ARG A 56 -23.50 14.51 2.09
C ARG A 56 -22.89 15.89 2.30
N ARG A 57 -22.98 16.42 3.52
CA ARG A 57 -22.39 17.73 3.80
C ARG A 57 -20.87 17.67 3.77
N TYR A 58 -20.27 16.83 4.60
CA TYR A 58 -18.81 16.84 4.67
C TYR A 58 -18.14 16.31 3.42
N GLN A 59 -18.88 15.72 2.49
CA GLN A 59 -18.25 15.45 1.20
C GLN A 59 -18.38 16.63 0.24
N LYS A 60 -19.55 17.27 0.19
CA LYS A 60 -19.66 18.50 -0.60
C LYS A 60 -18.64 19.54 -0.17
N SER A 61 -18.19 19.51 1.07
CA SER A 61 -17.31 20.53 1.62
C SER A 61 -15.86 20.11 1.53
N THR A 62 -14.98 21.10 1.62
CA THR A 62 -13.54 20.91 1.57
C THR A 62 -12.80 21.37 2.81
N GLU A 63 -13.38 22.27 3.60
CA GLU A 63 -12.70 22.90 4.70
C GLU A 63 -12.10 21.88 5.66
N LEU A 64 -11.05 22.30 6.35
CA LEU A 64 -10.29 21.44 7.26
C LEU A 64 -11.13 20.88 8.40
N LEU A 65 -11.20 19.57 8.54
CA LEU A 65 -12.05 18.89 9.49
C LEU A 65 -11.49 18.83 10.91
N ILE A 66 -10.19 19.07 11.10
CA ILE A 66 -9.60 19.09 12.43
C ILE A 66 -9.33 20.53 12.81
N ARG A 67 -9.73 20.91 14.03
CA ARG A 67 -9.34 22.21 14.56
C ARG A 67 -7.84 22.41 14.41
N LYS A 68 -7.47 23.61 13.94
CA LYS A 68 -6.09 23.85 13.55
C LYS A 68 -5.15 23.91 14.75
N LEU A 69 -5.47 24.74 15.73
CA LEU A 69 -4.59 24.91 16.88
C LEU A 69 -4.29 23.63 17.65
N PRO A 70 -5.27 22.78 17.98
CA PRO A 70 -4.88 21.49 18.59
C PRO A 70 -3.95 20.67 17.73
N PHE A 71 -4.25 20.51 16.45
CA PHE A 71 -3.34 19.81 15.55
C PHE A 71 -1.94 20.40 15.59
N GLN A 72 -1.83 21.72 15.53
CA GLN A 72 -0.53 22.37 15.64
C GLN A 72 0.20 21.94 16.90
N ARG A 73 -0.46 22.09 18.05
CA ARG A 73 0.20 21.70 19.29
C ARG A 73 0.58 20.23 19.29
N LEU A 74 -0.22 19.38 18.63
CA LEU A 74 0.14 17.98 18.48
C LEU A 74 1.42 17.80 17.70
N VAL A 75 1.47 18.38 16.50
CA VAL A 75 2.67 18.35 15.67
C VAL A 75 3.89 18.73 16.49
N ARG A 76 3.83 19.86 17.19
CA ARG A 76 4.97 20.26 18.00
C ARG A 76 5.30 19.22 19.06
N GLU A 77 4.29 18.67 19.74
CA GLU A 77 4.54 17.59 20.68
C GLU A 77 5.34 16.47 20.06
N ILE A 78 4.98 16.09 18.82
CA ILE A 78 5.69 15.01 18.16
C ILE A 78 7.14 15.42 17.89
N ALA A 79 7.32 16.56 17.23
CA ALA A 79 8.65 17.06 16.90
C ALA A 79 9.56 17.05 18.13
N GLN A 80 9.01 17.41 19.29
CA GLN A 80 9.79 17.46 20.52
C GLN A 80 10.67 16.24 20.78
N ASP A 81 10.34 15.09 20.21
CA ASP A 81 11.19 13.91 20.38
C ASP A 81 12.40 13.91 19.46
N PHE A 82 12.29 14.52 18.28
CA PHE A 82 13.39 14.47 17.31
C PHE A 82 14.35 15.62 17.48
N LYS A 83 13.85 16.82 17.73
CA LYS A 83 14.73 17.95 17.88
C LYS A 83 14.03 18.88 18.86
N THR A 84 14.82 19.40 19.79
CA THR A 84 14.38 20.40 20.76
C THR A 84 14.22 21.76 20.08
N ASP A 85 13.30 22.58 20.62
CA ASP A 85 12.83 23.94 20.27
C ASP A 85 12.80 24.23 18.72
N LEU A 86 12.20 23.30 17.97
CA LEU A 86 11.98 23.50 16.54
C LEU A 86 11.00 24.64 16.32
N ARG A 87 11.09 25.24 15.14
CA ARG A 87 10.16 26.26 14.70
C ARG A 87 9.54 25.81 13.40
N PHE A 88 8.24 25.91 13.28
CA PHE A 88 7.48 25.48 12.12
C PHE A 88 6.92 26.69 11.40
N GLN A 89 7.22 26.88 10.11
CA GLN A 89 6.41 27.79 9.33
C GLN A 89 4.96 27.33 9.41
N SER A 90 4.06 28.30 9.56
CA SER A 90 2.64 28.01 9.49
C SER A 90 2.34 27.13 8.29
N SER A 91 2.78 27.55 7.11
CA SER A 91 2.57 26.77 5.91
C SER A 91 2.91 25.29 6.11
N ALA A 92 4.04 24.99 6.75
CA ALA A 92 4.41 23.60 7.01
C ALA A 92 3.33 22.87 7.79
N VAL A 93 2.90 23.43 8.93
CA VAL A 93 1.80 22.85 9.68
C VAL A 93 0.60 22.61 8.79
N MET A 94 0.23 23.62 8.01
CA MET A 94 -0.91 23.50 7.12
C MET A 94 -0.75 22.32 6.17
N ALA A 95 0.44 22.16 5.60
CA ALA A 95 0.73 21.03 4.72
C ALA A 95 0.52 19.71 5.44
N LEU A 96 1.21 19.55 6.56
CA LEU A 96 1.00 18.40 7.43
C LEU A 96 -0.45 18.08 7.67
N GLN A 97 -1.25 19.10 7.97
CA GLN A 97 -2.67 18.85 8.19
C GLN A 97 -3.35 18.32 6.94
N GLU A 98 -3.13 18.97 5.79
CA GLU A 98 -3.72 18.44 4.57
C GLU A 98 -3.35 16.97 4.37
N ALA A 99 -2.11 16.63 4.65
CA ALA A 99 -1.64 15.27 4.43
C ALA A 99 -2.32 14.30 5.39
N CYS A 100 -2.21 14.60 6.68
CA CYS A 100 -2.86 13.83 7.74
C CYS A 100 -4.32 13.58 7.45
N GLU A 101 -5.09 14.65 7.20
CA GLU A 101 -6.50 14.48 6.86
C GLU A 101 -6.69 13.56 5.67
N ALA A 102 -6.01 13.84 4.56
CA ALA A 102 -6.13 12.96 3.40
C ALA A 102 -5.89 11.52 3.75
N TYR A 103 -4.78 11.25 4.43
CA TYR A 103 -4.45 9.90 4.85
C TYR A 103 -5.60 9.24 5.61
N LEU A 104 -6.01 9.84 6.74
CA LEU A 104 -7.14 9.27 7.48
C LEU A 104 -8.38 9.09 6.63
N VAL A 105 -8.75 10.08 5.82
CA VAL A 105 -9.93 9.95 4.98
C VAL A 105 -9.85 8.70 4.13
N GLY A 106 -8.79 8.57 3.35
CA GLY A 106 -8.59 7.36 2.57
C GLY A 106 -8.63 6.10 3.40
N LEU A 107 -7.99 6.13 4.57
CA LEU A 107 -8.06 5.00 5.50
C LEU A 107 -9.49 4.62 5.82
N PHE A 108 -10.32 5.59 6.20
CA PHE A 108 -11.72 5.28 6.49
C PHE A 108 -12.48 4.79 5.26
N GLU A 109 -12.26 5.38 4.09
CA GLU A 109 -12.84 4.79 2.88
C GLU A 109 -12.55 3.29 2.81
N ASP A 110 -11.27 2.93 2.74
CA ASP A 110 -10.90 1.51 2.75
C ASP A 110 -11.55 0.72 3.88
N THR A 111 -11.45 1.24 5.11
CA THR A 111 -12.05 0.58 6.26
C THR A 111 -13.53 0.29 6.05
N ASN A 112 -14.28 1.32 5.67
CA ASN A 112 -15.68 1.16 5.33
C ASN A 112 -15.88 0.04 4.32
N LEU A 113 -15.09 0.04 3.24
CA LEU A 113 -15.16 -1.05 2.29
C LEU A 113 -15.11 -2.40 2.99
N CYS A 114 -14.05 -2.62 3.77
CA CYS A 114 -13.96 -3.84 4.58
C CYS A 114 -15.23 -4.10 5.37
N ALA A 115 -15.65 -3.13 6.17
CA ALA A 115 -16.80 -3.31 7.05
C ALA A 115 -18.04 -3.76 6.28
N ILE A 116 -18.37 -3.07 5.20
CA ILE A 116 -19.46 -3.50 4.34
C ILE A 116 -19.22 -4.92 3.86
N HIS A 117 -18.02 -5.22 3.41
CA HIS A 117 -17.69 -6.54 2.95
C HIS A 117 -17.91 -7.61 4.03
N ALA A 118 -17.87 -7.26 5.33
CA ALA A 118 -18.30 -8.19 6.37
C ALA A 118 -19.79 -8.12 6.66
N LYS A 119 -20.57 -7.48 5.80
CA LYS A 119 -22.00 -7.25 5.99
C LYS A 119 -22.31 -6.41 7.22
N ARG A 120 -21.28 -5.85 7.86
CA ARG A 120 -21.46 -4.92 8.96
C ARG A 120 -21.64 -3.51 8.43
N VAL A 121 -22.02 -2.60 9.32
CA VAL A 121 -22.02 -1.18 9.03
C VAL A 121 -21.07 -0.41 9.94
N THR A 122 -21.05 -0.73 11.23
CA THR A 122 -20.11 -0.10 12.15
C THR A 122 -18.69 -0.54 11.84
N ILE A 123 -17.85 0.38 11.40
CA ILE A 123 -16.41 0.10 11.32
C ILE A 123 -15.81 -0.03 12.71
N MET A 124 -14.94 -0.98 12.89
CA MET A 124 -14.36 -1.29 14.18
C MET A 124 -12.85 -1.32 14.02
N PRO A 125 -12.07 -1.32 15.08
CA PRO A 125 -10.61 -1.44 14.92
C PRO A 125 -10.13 -2.64 14.14
N LYS A 126 -10.75 -3.81 14.26
CA LYS A 126 -10.30 -4.91 13.43
C LYS A 126 -10.37 -4.55 11.96
N ASP A 127 -11.35 -3.76 11.52
CA ASP A 127 -11.42 -3.30 10.13
C ASP A 127 -10.28 -2.34 9.80
N ILE A 128 -9.89 -1.40 10.67
CA ILE A 128 -8.76 -0.53 10.36
C ILE A 128 -7.48 -1.34 10.28
N GLN A 129 -7.15 -2.07 11.34
CA GLN A 129 -5.99 -2.96 11.28
C GLN A 129 -5.96 -3.76 9.99
N LEU A 130 -7.08 -4.35 9.59
CA LEU A 130 -7.13 -5.04 8.31
C LEU A 130 -6.73 -4.14 7.14
N ALA A 131 -7.42 -3.02 6.98
CA ALA A 131 -7.09 -2.06 5.95
C ALA A 131 -5.59 -1.78 5.87
N ARG A 132 -4.99 -1.43 7.00
CA ARG A 132 -3.56 -1.16 7.02
C ARG A 132 -2.75 -2.39 6.60
N ARG A 133 -3.00 -3.53 7.23
CA ARG A 133 -2.30 -4.76 6.85
C ARG A 133 -2.34 -5.00 5.36
N ILE A 134 -3.46 -4.72 4.71
CA ILE A 134 -3.55 -4.97 3.29
C ILE A 134 -2.82 -3.92 2.49
N ARG A 135 -2.95 -2.66 2.88
CA ARG A 135 -2.17 -1.60 2.23
C ARG A 135 -0.68 -1.82 2.33
N GLY A 136 -0.24 -2.58 3.32
CA GLY A 136 1.16 -2.79 3.57
C GLY A 136 1.69 -1.89 4.63
N GLU A 137 0.91 -0.93 5.12
CA GLU A 137 1.14 -0.33 6.40
C GLU A 137 1.04 -1.43 7.46
N ARG A 138 1.73 -1.32 8.59
CA ARG A 138 1.78 -2.40 9.60
C ARG A 138 1.81 -1.87 11.02
N ALA A 139 1.26 -2.63 11.96
CA ALA A 139 1.37 -2.35 13.38
C ALA A 139 2.81 -2.45 13.88
N HIS B 22 9.88 29.47 27.69
CA HIS B 22 10.69 29.31 26.48
C HIS B 22 10.52 27.89 25.95
N ARG B 23 10.91 26.91 26.75
CA ARG B 23 10.77 25.49 26.42
C ARG B 23 9.72 24.88 27.35
N LYS B 24 8.64 24.38 26.77
CA LYS B 24 7.57 23.75 27.53
C LYS B 24 7.15 22.45 26.87
N VAL B 25 7.20 21.36 27.65
CA VAL B 25 6.70 20.07 27.19
C VAL B 25 5.19 20.12 26.98
N LEU B 26 4.75 19.69 25.80
CA LEU B 26 3.33 19.66 25.43
C LEU B 26 2.76 18.25 25.52
N ARG B 27 3.06 17.56 26.61
CA ARG B 27 2.68 16.15 26.75
C ARG B 27 1.17 15.94 26.75
N ASP B 28 0.76 14.74 26.32
CA ASP B 28 -0.62 14.27 26.43
C ASP B 28 -1.56 15.21 25.68
N ASN B 29 -1.09 15.72 24.55
CA ASN B 29 -1.86 16.58 23.69
C ASN B 29 -2.60 15.84 22.58
N ILE B 30 -2.34 14.56 22.37
CA ILE B 30 -3.01 13.79 21.33
C ILE B 30 -4.51 13.70 21.53
N GLN B 31 -5.00 13.82 22.76
CA GLN B 31 -6.44 13.87 22.96
C GLN B 31 -7.07 15.10 22.32
N GLY B 32 -6.28 16.12 21.99
CA GLY B 32 -6.81 17.22 21.19
C GLY B 32 -7.37 16.83 19.84
N ILE B 33 -7.03 15.66 19.32
CA ILE B 33 -7.77 15.15 18.17
C ILE B 33 -9.08 14.57 18.66
N THR B 34 -10.06 15.44 18.90
CA THR B 34 -11.23 15.08 19.67
C THR B 34 -12.12 14.11 18.90
N LYS B 35 -12.83 13.28 19.65
CA LYS B 35 -13.90 12.42 19.15
C LYS B 35 -14.70 13.02 18.01
N PRO B 36 -15.37 14.17 18.17
CA PRO B 36 -16.12 14.71 17.02
C PRO B 36 -15.28 14.97 15.79
N ALA B 37 -14.02 15.39 15.95
CA ALA B 37 -13.16 15.55 14.78
C ALA B 37 -13.03 14.24 14.02
N ILE B 38 -12.70 13.16 14.72
CA ILE B 38 -12.63 11.84 14.09
C ILE B 38 -13.96 11.50 13.44
N ARG B 39 -15.06 11.80 14.13
CA ARG B 39 -16.38 11.58 13.55
C ARG B 39 -16.54 12.29 12.21
N ARG B 40 -16.16 13.57 12.14
CA ARG B 40 -16.21 14.34 10.88
C ARG B 40 -15.34 13.72 9.82
N LEU B 41 -14.12 13.35 10.13
CA LEU B 41 -13.27 12.71 9.13
C LEU B 41 -13.90 11.44 8.60
N ALA B 42 -14.38 10.59 9.50
CA ALA B 42 -15.08 9.37 9.08
C ALA B 42 -16.25 9.70 8.15
N ARG B 43 -17.04 10.71 8.50
CA ARG B 43 -18.14 11.09 7.62
C ARG B 43 -17.63 11.44 6.24
N ARG B 44 -16.55 12.21 6.16
CA ARG B 44 -15.92 12.43 4.87
C ARG B 44 -15.57 11.12 4.19
N GLY B 45 -15.20 10.10 4.96
CA GLY B 45 -14.96 8.81 4.36
C GLY B 45 -16.20 8.08 3.90
N GLY B 46 -17.38 8.57 4.25
CA GLY B 46 -18.60 7.82 4.01
C GLY B 46 -18.93 6.78 5.04
N VAL B 47 -18.41 6.94 6.25
CA VAL B 47 -18.65 6.00 7.35
C VAL B 47 -19.95 6.37 8.05
N LYS B 48 -20.91 5.45 8.07
CA LYS B 48 -22.20 5.79 8.66
C LYS B 48 -22.25 5.55 10.15
N ARG B 49 -21.59 4.51 10.64
CA ARG B 49 -21.74 4.11 12.03
C ARG B 49 -20.37 3.71 12.55
N ILE B 50 -20.01 4.21 13.72
CA ILE B 50 -18.64 4.16 14.23
C ILE B 50 -18.68 3.60 15.64
N SER B 51 -17.87 2.58 15.91
CA SER B 51 -17.79 2.14 17.29
C SER B 51 -17.20 3.26 18.14
N GLY B 52 -17.60 3.28 19.42
CA GLY B 52 -17.04 4.24 20.35
C GLY B 52 -15.62 3.95 20.78
N LEU B 53 -15.18 2.70 20.70
CA LEU B 53 -13.82 2.36 21.06
C LEU B 53 -12.81 2.70 19.97
N ILE B 54 -13.26 2.89 18.73
CA ILE B 54 -12.34 3.08 17.61
C ILE B 54 -11.47 4.30 17.79
N TYR B 55 -11.91 5.29 18.56
CA TYR B 55 -11.24 6.58 18.57
C TYR B 55 -9.82 6.49 19.09
N GLU B 56 -9.60 5.71 20.14
CA GLU B 56 -8.24 5.60 20.66
C GLU B 56 -7.32 4.88 19.67
N GLU B 57 -7.87 3.86 19.02
CA GLU B 57 -7.16 3.22 17.91
C GLU B 57 -6.75 4.24 16.85
N THR B 58 -7.69 5.05 16.37
CA THR B 58 -7.36 5.93 15.26
C THR B 58 -6.40 7.04 15.67
N ARG B 59 -6.51 7.54 16.90
CA ARG B 59 -5.45 8.41 17.40
C ARG B 59 -4.09 7.74 17.32
N GLY B 60 -3.99 6.49 17.79
CA GLY B 60 -2.72 5.79 17.70
C GLY B 60 -2.18 5.68 16.28
N VAL B 61 -3.04 5.25 15.35
CA VAL B 61 -2.73 5.29 13.93
C VAL B 61 -2.14 6.64 13.53
N LEU B 62 -2.89 7.71 13.82
CA LEU B 62 -2.45 9.03 13.42
C LEU B 62 -1.08 9.34 13.95
N LYS B 63 -0.90 9.24 15.26
CA LYS B 63 0.39 9.48 15.90
C LYS B 63 1.50 8.77 15.14
N VAL B 64 1.29 7.49 14.82
CA VAL B 64 2.28 6.75 14.03
C VAL B 64 2.62 7.49 12.74
N PHE B 65 1.61 7.69 11.89
CA PHE B 65 1.78 8.46 10.66
C PHE B 65 2.62 9.73 10.85
N LEU B 66 2.14 10.63 11.70
CA LEU B 66 2.86 11.88 11.95
C LEU B 66 4.29 11.63 12.41
N GLU B 67 4.52 10.67 13.31
CA GLU B 67 5.88 10.31 13.65
C GLU B 67 6.73 10.13 12.40
N ASN B 68 6.31 9.23 11.50
CA ASN B 68 7.09 9.03 10.29
C ASN B 68 7.31 10.32 9.51
N VAL B 69 6.23 10.99 9.11
CA VAL B 69 6.34 12.23 8.35
C VAL B 69 7.32 13.20 9.00
N ILE B 70 7.07 13.57 10.25
CA ILE B 70 7.92 14.52 10.96
C ILE B 70 9.36 14.04 11.01
N ARG B 71 9.59 12.76 11.28
CA ARG B 71 10.92 12.19 11.18
C ARG B 71 11.60 12.64 9.91
N ASP B 72 11.02 12.27 8.77
CA ASP B 72 11.64 12.63 7.49
C ASP B 72 11.82 14.14 7.35
N ALA B 73 10.79 14.92 7.70
CA ALA B 73 10.87 16.37 7.56
C ALA B 73 12.05 16.94 8.36
N VAL B 74 12.06 16.67 9.66
CA VAL B 74 13.15 17.13 10.51
C VAL B 74 14.49 16.65 10.02
N THR B 75 14.54 15.43 9.47
CA THR B 75 15.78 14.97 8.83
C THR B 75 16.26 15.93 7.76
N TYR B 76 15.45 16.13 6.73
CA TYR B 76 15.76 17.16 5.74
C TYR B 76 16.25 18.45 6.36
N THR B 77 15.51 18.95 7.35
CA THR B 77 15.87 20.23 7.95
C THR B 77 17.25 20.17 8.57
N GLU B 78 17.51 19.13 9.36
CA GLU B 78 18.84 18.95 9.93
C GLU B 78 19.92 18.93 8.87
N HIS B 79 19.65 18.36 7.70
CA HIS B 79 20.65 18.41 6.66
C HIS B 79 20.85 19.81 6.15
N ALA B 80 19.78 20.55 5.91
CA ALA B 80 19.93 21.89 5.38
C ALA B 80 20.55 22.85 6.38
N LYS B 81 20.75 22.42 7.62
CA LYS B 81 21.27 23.19 8.74
C LYS B 81 20.32 24.30 9.15
N ARG B 82 19.15 24.42 8.54
CA ARG B 82 18.10 25.27 9.07
C ARG B 82 17.64 24.75 10.42
N LYS B 83 16.98 25.62 11.19
CA LYS B 83 16.32 25.18 12.42
C LYS B 83 14.81 25.21 12.33
N THR B 84 14.23 25.56 11.19
CA THR B 84 12.79 25.66 11.04
C THR B 84 12.35 24.73 9.92
N VAL B 85 11.52 23.75 10.25
CA VAL B 85 11.01 22.86 9.21
C VAL B 85 10.12 23.65 8.25
N THR B 86 10.65 23.93 7.07
CA THR B 86 9.92 24.66 6.05
C THR B 86 8.92 23.75 5.36
N ALA B 87 7.77 24.31 4.99
CA ALA B 87 6.76 23.56 4.24
C ALA B 87 7.38 22.67 3.17
N MET B 88 8.35 23.22 2.43
CA MET B 88 9.08 22.48 1.41
C MET B 88 9.66 21.17 1.94
N ASP B 89 10.13 21.17 3.19
CA ASP B 89 10.55 19.94 3.85
C ASP B 89 9.41 18.96 4.00
N VAL B 90 8.27 19.41 4.55
CA VAL B 90 7.13 18.52 4.74
C VAL B 90 6.69 17.88 3.43
N VAL B 91 6.44 18.70 2.40
CA VAL B 91 6.03 18.13 1.12
C VAL B 91 7.02 17.07 0.66
N TYR B 92 8.33 17.34 0.72
CA TYR B 92 9.39 16.42 0.28
C TYR B 92 9.39 15.14 1.10
N ALA B 93 9.16 15.25 2.38
CA ALA B 93 8.97 14.09 3.25
C ALA B 93 7.83 13.22 2.74
N LEU B 94 6.64 13.82 2.60
CA LEU B 94 5.51 13.06 2.05
C LEU B 94 5.87 12.40 0.73
N LYS B 95 6.45 13.16 -0.20
CA LYS B 95 6.88 12.59 -1.46
C LYS B 95 7.64 11.29 -1.27
N ARG B 96 8.55 11.25 -0.29
CA ARG B 96 9.21 9.99 -0.01
C ARG B 96 8.27 8.95 0.57
N GLN B 97 7.31 9.37 1.40
CA GLN B 97 6.30 8.42 1.85
C GLN B 97 5.44 7.90 0.71
N GLY B 98 5.67 8.39 -0.51
CA GLY B 98 4.88 7.92 -1.62
C GLY B 98 3.51 8.55 -1.66
N ARG B 99 3.37 9.70 -1.02
CA ARG B 99 2.08 10.32 -0.77
C ARG B 99 2.17 11.78 -1.19
N THR B 100 2.46 12.02 -2.46
CA THR B 100 2.80 13.36 -2.92
C THR B 100 1.67 14.32 -2.63
N LEU B 101 2.04 15.52 -2.19
CA LEU B 101 1.10 16.57 -1.86
C LEU B 101 1.28 17.74 -2.83
N TYR B 102 0.18 18.15 -3.45
CA TYR B 102 0.18 19.27 -4.38
C TYR B 102 -0.41 20.51 -3.73
N GLY B 103 0.25 21.64 -3.90
CA GLY B 103 -0.30 22.89 -3.43
C GLY B 103 0.52 23.69 -2.45
N PHE B 104 1.81 23.40 -2.35
CA PHE B 104 2.65 24.14 -1.42
C PHE B 104 3.99 24.54 -2.02
N GLY B 105 4.16 24.42 -3.32
CA GLY B 105 5.43 24.68 -3.95
C GLY B 105 6.30 23.47 -4.18
N GLY B 106 5.74 22.27 -4.08
CA GLY B 106 6.47 21.04 -4.35
C GLY B 106 7.22 20.99 -5.67
N ALA C 14 60.12 7.05 -4.69
CA ALA C 14 59.42 8.33 -4.81
C ALA C 14 57.92 8.13 -4.76
N ARG C 15 57.49 6.90 -5.04
CA ARG C 15 56.08 6.54 -5.07
C ARG C 15 55.74 5.67 -3.86
N ALA C 16 54.85 6.18 -3.01
CA ALA C 16 54.36 5.41 -1.88
C ALA C 16 53.68 4.14 -2.36
N LYS C 17 53.80 3.09 -1.56
CA LYS C 17 53.18 1.80 -1.87
C LYS C 17 51.68 1.97 -2.02
N ALA C 18 51.19 1.78 -3.23
CA ALA C 18 49.76 1.84 -3.51
C ALA C 18 48.99 0.92 -2.59
N LYS C 19 48.12 1.48 -1.76
CA LYS C 19 47.16 0.72 -0.96
C LYS C 19 45.79 1.31 -1.21
N THR C 20 44.85 0.46 -1.59
CA THR C 20 43.50 0.89 -1.92
C THR C 20 42.90 1.71 -0.80
N ARG C 21 42.18 2.77 -1.17
CA ARG C 21 41.38 3.53 -0.21
C ARG C 21 40.61 2.61 0.72
N SER C 22 40.08 1.51 0.18
CA SER C 22 39.42 0.51 1.00
C SER C 22 40.22 0.20 2.25
N SER C 23 41.45 -0.27 2.07
CA SER C 23 42.34 -0.52 3.20
C SER C 23 42.37 0.67 4.16
N ARG C 24 42.64 1.86 3.64
CA ARG C 24 42.56 3.06 4.46
C ARG C 24 41.27 3.15 5.26
N ALA C 25 40.19 2.59 4.75
CA ALA C 25 38.91 2.69 5.42
C ALA C 25 38.62 1.51 6.33
N GLY C 26 39.28 0.37 6.13
CA GLY C 26 39.00 -0.88 6.84
C GLY C 26 37.68 -1.52 6.40
N LEU C 27 37.39 -1.57 5.11
CA LEU C 27 36.14 -2.07 4.55
C LEU C 27 36.46 -3.24 3.65
N GLN C 28 35.44 -4.07 3.42
CA GLN C 28 35.59 -5.05 2.36
C GLN C 28 35.01 -4.59 1.04
N PHE C 29 33.96 -3.78 1.06
CA PHE C 29 33.43 -3.30 -0.20
C PHE C 29 34.42 -2.34 -0.85
N PRO C 30 34.52 -2.35 -2.17
CA PRO C 30 35.44 -1.43 -2.85
C PRO C 30 34.90 -0.01 -2.82
N VAL C 31 35.65 0.87 -2.16
CA VAL C 31 35.28 2.28 -2.16
C VAL C 31 35.45 2.88 -3.54
N GLY C 32 36.61 2.65 -4.18
CA GLY C 32 36.82 3.21 -5.49
C GLY C 32 35.75 2.85 -6.48
N ARG C 33 35.31 1.59 -6.46
CA ARG C 33 34.20 1.18 -7.32
C ARG C 33 32.98 2.04 -7.08
N VAL C 34 32.63 2.23 -5.81
CA VAL C 34 31.50 3.09 -5.47
C VAL C 34 31.68 4.47 -6.08
N HIS C 35 32.78 5.15 -5.73
CA HIS C 35 33.15 6.41 -6.34
C HIS C 35 32.89 6.46 -7.83
N ARG C 36 33.50 5.53 -8.57
CA ARG C 36 33.32 5.49 -10.01
C ARG C 36 31.84 5.47 -10.37
N LEU C 37 31.07 4.58 -9.76
CA LEU C 37 29.63 4.53 -10.04
C LEU C 37 28.96 5.86 -9.78
N LEU C 38 29.21 6.47 -8.63
CA LEU C 38 28.64 7.78 -8.34
C LEU C 38 28.92 8.78 -9.45
N ARG C 39 30.17 8.87 -9.89
CA ARG C 39 30.46 9.84 -10.95
C ARG C 39 29.87 9.41 -12.29
N LYS C 40 29.85 8.11 -12.59
CA LYS C 40 29.21 7.57 -13.79
C LYS C 40 27.70 7.63 -13.71
N GLY C 41 27.10 7.95 -12.56
CA GLY C 41 25.66 7.99 -12.49
C GLY C 41 25.12 9.39 -12.64
N ASN C 42 25.99 10.38 -12.80
CA ASN C 42 25.68 11.80 -12.85
C ASN C 42 24.66 12.17 -11.74
N TYR C 43 24.86 11.65 -10.53
CA TYR C 43 24.11 12.06 -9.35
C TYR C 43 24.39 13.52 -8.99
N SER C 44 25.52 14.06 -9.42
CA SER C 44 25.93 15.44 -9.17
C SER C 44 27.21 15.66 -9.97
N GLU C 45 27.44 16.91 -10.34
CA GLU C 45 28.65 17.24 -11.06
C GLU C 45 29.90 16.93 -10.26
N ARG C 46 29.83 16.96 -8.93
CA ARG C 46 31.00 16.71 -8.11
C ARG C 46 30.64 15.83 -6.93
N VAL C 47 31.55 14.93 -6.57
CA VAL C 47 31.34 13.93 -5.54
C VAL C 47 32.46 14.09 -4.53
N GLY C 48 32.10 14.41 -3.29
CA GLY C 48 33.09 14.51 -2.24
C GLY C 48 33.83 13.22 -2.00
N ALA C 49 35.03 13.37 -1.42
CA ALA C 49 35.92 12.23 -1.19
C ALA C 49 35.35 11.26 -0.18
N GLY C 50 34.81 11.77 0.93
CA GLY C 50 34.30 10.88 1.97
C GLY C 50 32.99 10.21 1.63
N ALA C 51 32.25 10.73 0.66
CA ALA C 51 31.00 10.09 0.28
C ALA C 51 31.14 8.64 -0.15
N PRO C 52 32.02 8.28 -1.09
CA PRO C 52 32.13 6.86 -1.42
C PRO C 52 32.57 6.00 -0.26
N VAL C 53 33.46 6.50 0.59
CA VAL C 53 33.83 5.76 1.79
C VAL C 53 32.60 5.43 2.62
N TYR C 54 31.92 6.47 3.07
CA TYR C 54 30.71 6.28 3.88
C TYR C 54 29.72 5.34 3.22
N LEU C 55 29.43 5.57 1.94
CA LEU C 55 28.49 4.71 1.23
C LEU C 55 28.91 3.25 1.24
N ALA C 56 30.15 2.98 0.83
CA ALA C 56 30.68 1.63 0.90
C ALA C 56 30.49 1.03 2.27
N ALA C 57 30.88 1.76 3.31
CA ALA C 57 30.68 1.28 4.67
C ALA C 57 29.23 0.88 4.93
N VAL C 58 28.29 1.77 4.61
CA VAL C 58 26.87 1.46 4.78
C VAL C 58 26.48 0.16 4.09
N LEU C 59 26.69 0.09 2.77
CA LEU C 59 26.39 -1.12 2.03
C LEU C 59 27.00 -2.35 2.69
N GLU C 60 28.29 -2.28 2.97
CA GLU C 60 28.98 -3.37 3.66
C GLU C 60 28.20 -3.78 4.90
N TYR C 61 27.87 -2.82 5.76
CA TYR C 61 27.10 -3.13 6.96
C TYR C 61 25.84 -3.90 6.64
N LEU C 62 24.97 -3.33 5.79
CA LEU C 62 23.72 -4.00 5.43
C LEU C 62 23.96 -5.43 4.97
N THR C 63 24.81 -5.60 3.95
CA THR C 63 25.23 -6.93 3.52
C THR C 63 25.58 -7.82 4.69
N ALA C 64 26.48 -7.36 5.56
CA ALA C 64 26.87 -8.14 6.73
C ALA C 64 25.65 -8.59 7.51
N GLU C 65 24.75 -7.65 7.80
CA GLU C 65 23.55 -7.97 8.55
C GLU C 65 22.74 -9.08 7.89
N ILE C 66 22.39 -8.88 6.62
CA ILE C 66 21.65 -9.90 5.87
C ILE C 66 22.33 -11.25 5.97
N LEU C 67 23.62 -11.32 5.63
CA LEU C 67 24.37 -12.57 5.58
C LEU C 67 24.43 -13.22 6.96
N GLU C 68 24.62 -12.44 8.02
CA GLU C 68 24.52 -12.95 9.38
C GLU C 68 23.19 -13.64 9.65
N LEU C 69 22.08 -12.91 9.52
CA LEU C 69 20.77 -13.51 9.75
C LEU C 69 20.55 -14.76 8.90
N ALA C 70 20.78 -14.65 7.60
CA ALA C 70 20.58 -15.80 6.72
C ALA C 70 21.37 -17.02 7.18
N GLY C 71 22.66 -16.86 7.44
CA GLY C 71 23.47 -17.95 7.94
C GLY C 71 22.98 -18.55 9.24
N ASN C 72 22.55 -17.70 10.18
CA ASN C 72 21.83 -18.20 11.35
C ASN C 72 20.71 -19.14 10.93
N ALA C 73 19.82 -18.65 10.07
CA ALA C 73 18.67 -19.44 9.64
C ALA C 73 19.14 -20.74 8.98
N ALA C 74 20.26 -20.68 8.27
CA ALA C 74 20.83 -21.89 7.69
C ALA C 74 21.20 -22.90 8.76
N ARG C 75 21.92 -22.50 9.81
CA ARG C 75 22.23 -23.41 10.92
C ARG C 75 20.96 -23.95 11.53
N ASP C 76 19.86 -23.22 11.49
CA ASP C 76 18.58 -23.76 11.94
C ASP C 76 18.01 -24.79 10.98
N ASN C 77 18.24 -24.65 9.67
CA ASN C 77 17.90 -25.75 8.78
C ASN C 77 18.99 -26.82 8.73
N LYS C 78 19.98 -26.78 9.62
CA LYS C 78 21.22 -27.59 9.57
C LYS C 78 21.89 -27.58 8.18
N LYS C 79 21.66 -26.52 7.40
CA LYS C 79 22.19 -26.34 6.06
C LYS C 79 23.43 -25.47 6.18
N THR C 80 24.56 -25.92 5.67
CA THR C 80 25.79 -25.13 5.74
C THR C 80 25.86 -23.99 4.72
N ARG C 81 25.04 -23.99 3.68
CA ARG C 81 25.23 -23.09 2.55
C ARG C 81 23.95 -22.30 2.31
N ILE C 82 24.13 -20.97 2.24
CA ILE C 82 22.97 -20.05 2.07
C ILE C 82 22.36 -20.14 0.68
N ILE C 83 21.06 -20.43 0.61
CA ILE C 83 20.29 -20.47 -0.63
C ILE C 83 19.18 -19.45 -0.50
N PRO C 84 18.47 -19.08 -1.57
CA PRO C 84 17.52 -17.98 -1.57
C PRO C 84 16.45 -18.06 -0.50
N ARG C 85 15.99 -19.25 -0.14
CA ARG C 85 15.08 -19.40 0.98
C ARG C 85 15.66 -18.85 2.26
N HIS C 86 16.89 -19.15 2.64
CA HIS C 86 17.45 -18.62 3.88
C HIS C 86 17.48 -17.09 3.87
N LEU C 87 17.74 -16.44 2.72
CA LEU C 87 17.57 -14.99 2.67
C LEU C 87 16.13 -14.56 2.92
N GLN C 88 15.17 -15.19 2.25
CA GLN C 88 13.77 -14.84 2.47
C GLN C 88 13.39 -14.97 3.94
N LEU C 89 13.79 -16.09 4.56
CA LEU C 89 13.51 -16.30 5.97
C LEU C 89 14.13 -15.20 6.83
N ALA C 90 15.45 -15.05 6.74
CA ALA C 90 16.14 -13.98 7.44
C ALA C 90 15.42 -12.64 7.33
N ILE C 91 15.26 -12.14 6.12
CA ILE C 91 14.58 -10.86 5.92
C ILE C 91 13.19 -10.83 6.56
N ARG C 92 12.25 -11.65 6.08
CA ARG C 92 10.89 -11.54 6.60
C ARG C 92 10.81 -11.71 8.11
N ASN C 93 11.63 -12.59 8.70
CA ASN C 93 11.59 -12.74 10.15
C ASN C 93 12.12 -11.52 10.89
N ASP C 94 13.02 -10.74 10.31
CA ASP C 94 13.51 -9.51 10.90
C ASP C 94 12.65 -8.30 10.52
N GLU C 95 12.02 -7.67 11.50
CA GLU C 95 11.09 -6.58 11.25
C GLU C 95 11.74 -5.39 10.53
N GLU C 96 12.97 -5.04 10.93
CA GLU C 96 13.62 -3.82 10.43
C GLU C 96 13.87 -3.92 8.93
N LEU C 97 14.39 -5.08 8.50
CA LEU C 97 14.62 -5.35 7.09
C LEU C 97 13.31 -5.50 6.34
N ASN C 98 12.42 -6.35 6.83
CA ASN C 98 11.12 -6.48 6.20
C ASN C 98 10.52 -5.13 5.88
N LYS C 99 10.69 -4.15 6.77
CA LYS C 99 10.28 -2.78 6.44
C LYS C 99 11.10 -2.21 5.29
N LEU C 100 12.42 -2.34 5.36
CA LEU C 100 13.27 -1.92 4.26
C LEU C 100 12.89 -2.60 2.95
N LEU C 101 12.79 -3.92 2.95
CA LEU C 101 12.61 -4.70 1.74
C LEU C 101 11.18 -5.20 1.56
N GLY C 102 10.19 -4.45 2.03
CA GLY C 102 8.83 -4.94 1.96
C GLY C 102 8.23 -4.99 0.56
N ARG C 103 8.64 -4.08 -0.31
CA ARG C 103 8.20 -4.15 -1.70
C ARG C 103 9.02 -5.10 -2.57
N VAL C 104 9.83 -5.98 -2.01
CA VAL C 104 10.80 -6.73 -2.79
C VAL C 104 10.36 -8.18 -2.88
N THR C 105 10.44 -8.75 -4.07
CA THR C 105 10.15 -10.16 -4.31
C THR C 105 11.46 -10.83 -4.65
N ILE C 106 11.83 -11.83 -3.85
CA ILE C 106 13.10 -12.52 -3.99
C ILE C 106 12.86 -13.82 -4.74
N ALA C 107 13.35 -13.89 -5.97
CA ALA C 107 13.17 -15.10 -6.76
C ALA C 107 13.64 -16.31 -5.98
N GLN C 108 12.91 -17.41 -6.12
CA GLN C 108 13.24 -18.66 -5.46
C GLN C 108 13.21 -18.53 -3.94
N GLY C 109 12.48 -17.55 -3.43
CA GLY C 109 12.42 -17.32 -2.00
C GLY C 109 11.26 -18.00 -1.31
N GLY C 110 10.20 -18.25 -2.06
CA GLY C 110 9.00 -18.81 -1.48
C GLY C 110 8.36 -17.86 -0.49
N VAL C 111 7.80 -18.42 0.58
CA VAL C 111 7.08 -17.65 1.58
C VAL C 111 7.49 -18.08 2.98
N LEU C 112 7.19 -17.22 3.94
CA LEU C 112 7.36 -17.51 5.36
C LEU C 112 6.15 -18.30 5.85
N PRO C 113 6.35 -19.48 6.44
CA PRO C 113 5.20 -20.31 6.84
C PRO C 113 4.23 -19.58 7.75
N ASN C 114 2.98 -19.47 7.30
CA ASN C 114 1.97 -18.68 8.02
C ASN C 114 0.60 -19.29 7.75
N ILE C 115 0.19 -20.21 8.62
CA ILE C 115 -1.17 -20.74 8.62
C ILE C 115 -1.99 -19.94 9.62
N GLN C 116 -2.94 -19.16 9.12
CA GLN C 116 -3.78 -18.35 10.01
C GLN C 116 -4.45 -19.23 11.05
N ALA C 117 -4.37 -18.79 12.31
CA ALA C 117 -4.92 -19.51 13.46
C ALA C 117 -6.29 -20.13 13.19
N VAL C 118 -7.21 -19.34 12.66
CA VAL C 118 -8.58 -19.82 12.43
C VAL C 118 -8.58 -21.08 11.59
N LEU C 119 -7.68 -21.16 10.62
CA LEU C 119 -7.74 -22.26 9.66
C LEU C 119 -7.45 -23.61 10.29
N LEU C 120 -6.63 -23.66 11.33
CA LEU C 120 -6.34 -24.91 12.02
C LEU C 120 -7.59 -25.49 12.67
N PRO C 121 -7.87 -26.78 12.49
CA PRO C 121 -8.97 -27.42 13.22
C PRO C 121 -8.63 -27.57 14.69
N LYS C 122 -9.70 -27.74 15.48
CA LYS C 122 -9.70 -27.84 16.96
C LYS C 122 -9.78 -29.28 17.47
N LYS D 34 38.57 -13.13 -24.90
CA LYS D 34 38.40 -11.83 -24.27
C LYS D 34 37.19 -11.07 -24.83
N ARG D 35 36.17 -10.87 -24.01
CA ARG D 35 34.96 -10.10 -24.33
C ARG D 35 34.61 -9.24 -23.15
N SER D 36 33.71 -8.28 -23.36
CA SER D 36 33.28 -7.34 -22.34
C SER D 36 32.82 -8.06 -21.07
N ARG D 37 33.46 -7.70 -19.97
CA ARG D 37 33.32 -8.30 -18.66
C ARG D 37 32.35 -7.46 -17.81
N LYS D 38 31.35 -8.13 -17.24
CA LYS D 38 30.32 -7.45 -16.45
C LYS D 38 30.69 -7.42 -14.97
N GLU D 39 30.81 -6.21 -14.43
CA GLU D 39 31.06 -5.98 -13.00
C GLU D 39 29.87 -6.42 -12.12
N SER D 40 30.21 -7.04 -10.99
CA SER D 40 29.31 -7.41 -9.91
C SER D 40 30.05 -7.20 -8.61
N TYR D 41 29.38 -7.50 -7.49
CA TYR D 41 29.96 -7.35 -6.17
C TYR D 41 30.31 -8.67 -5.50
N SER D 42 30.18 -9.80 -6.21
CA SER D 42 30.18 -11.11 -5.55
C SER D 42 31.33 -11.26 -4.55
N ILE D 43 32.56 -11.08 -5.02
CA ILE D 43 33.74 -11.37 -4.21
C ILE D 43 33.71 -10.64 -2.87
N TYR D 44 33.33 -9.37 -2.87
CA TYR D 44 33.17 -8.63 -1.62
C TYR D 44 32.13 -9.24 -0.70
N VAL D 45 30.96 -9.59 -1.23
CA VAL D 45 29.97 -10.26 -0.42
C VAL D 45 30.55 -11.51 0.22
N TYR D 46 31.21 -12.33 -0.58
CA TYR D 46 31.93 -13.49 -0.07
C TYR D 46 32.84 -13.14 1.09
N LYS D 47 33.70 -12.13 0.93
CA LYS D 47 34.58 -11.74 2.03
C LYS D 47 33.82 -11.43 3.30
N VAL D 48 32.85 -10.51 3.20
CA VAL D 48 31.97 -10.20 4.32
C VAL D 48 31.48 -11.48 4.98
N LEU D 49 30.88 -12.38 4.18
CA LEU D 49 30.30 -13.62 4.69
C LEU D 49 31.34 -14.41 5.46
N LYS D 50 32.55 -14.58 4.96
CA LYS D 50 33.62 -15.21 5.73
C LYS D 50 33.88 -14.50 7.05
N GLN D 51 33.85 -13.18 7.07
CA GLN D 51 33.98 -12.50 8.36
C GLN D 51 32.86 -12.89 9.31
N VAL D 52 31.65 -13.05 8.80
CA VAL D 52 30.50 -13.28 9.68
C VAL D 52 30.32 -14.75 10.03
N HIS D 53 30.51 -15.67 9.09
CA HIS D 53 30.25 -17.10 9.30
C HIS D 53 31.34 -17.91 8.61
N PRO D 54 32.52 -17.96 9.21
CA PRO D 54 33.64 -18.69 8.58
C PRO D 54 33.30 -20.07 8.05
N ASP D 55 32.50 -20.87 8.75
CA ASP D 55 32.09 -22.20 8.33
C ASP D 55 31.09 -22.21 7.15
N THR D 56 30.48 -21.06 6.82
CA THR D 56 29.36 -21.04 5.90
C THR D 56 29.79 -20.60 4.50
N GLY D 57 29.21 -21.24 3.50
CA GLY D 57 29.33 -20.84 2.12
C GLY D 57 28.02 -20.28 1.60
N ILE D 58 27.97 -20.10 0.29
CA ILE D 58 26.84 -19.40 -0.33
C ILE D 58 26.68 -19.89 -1.76
N SER D 59 25.43 -20.09 -2.16
CA SER D 59 25.16 -20.54 -3.51
C SER D 59 25.23 -19.38 -4.49
N SER D 60 25.48 -19.71 -5.75
CA SER D 60 25.53 -18.70 -6.81
C SER D 60 24.24 -17.90 -6.85
N LYS D 61 23.10 -18.58 -6.84
CA LYS D 61 21.82 -17.87 -6.85
C LYS D 61 21.74 -16.84 -5.74
N ALA D 62 22.03 -17.26 -4.50
CA ALA D 62 22.13 -16.30 -3.40
C ALA D 62 22.99 -15.11 -3.79
N MET D 63 24.18 -15.36 -4.35
CA MET D 63 25.03 -14.25 -4.79
C MET D 63 24.33 -13.33 -5.78
N GLY D 64 23.58 -13.89 -6.72
CA GLY D 64 22.81 -13.02 -7.60
C GLY D 64 21.81 -12.17 -6.86
N ILE D 65 21.13 -12.77 -5.87
CA ILE D 65 20.29 -11.98 -4.98
C ILE D 65 21.08 -10.85 -4.35
N MET D 66 22.20 -11.18 -3.71
CA MET D 66 22.99 -10.15 -2.99
C MET D 66 23.45 -9.06 -3.95
N ASN D 67 23.98 -9.45 -5.12
CA ASN D 67 24.35 -8.46 -6.12
C ASN D 67 23.20 -7.50 -6.36
N SER D 68 22.06 -8.02 -6.81
CA SER D 68 20.89 -7.18 -7.03
C SER D 68 20.57 -6.32 -5.82
N PHE D 69 20.51 -6.92 -4.63
CA PHE D 69 20.23 -6.20 -3.41
C PHE D 69 21.16 -5.01 -3.18
N VAL D 70 22.46 -5.30 -3.11
CA VAL D 70 23.46 -4.23 -2.97
C VAL D 70 23.23 -3.14 -4.01
N ASN D 71 23.15 -3.51 -5.29
CA ASN D 71 22.88 -2.51 -6.31
C ASN D 71 21.65 -1.68 -5.95
N ASP D 72 20.57 -2.34 -5.55
CA ASP D 72 19.34 -1.62 -5.24
C ASP D 72 19.51 -0.63 -4.09
N ILE D 73 20.05 -1.08 -2.97
CA ILE D 73 20.35 -0.19 -1.86
C ILE D 73 21.21 0.98 -2.32
N PHE D 74 22.33 0.67 -2.95
CA PHE D 74 23.21 1.71 -3.49
C PHE D 74 22.44 2.71 -4.32
N GLU D 75 21.64 2.22 -5.26
CA GLU D 75 20.85 3.12 -6.09
C GLU D 75 19.95 4.00 -5.24
N ARG D 76 19.22 3.41 -4.30
CA ARG D 76 18.34 4.22 -3.47
C ARG D 76 19.11 5.33 -2.76
N ILE D 77 20.18 4.97 -2.05
CA ILE D 77 20.98 5.97 -1.34
C ILE D 77 21.50 7.03 -2.29
N ALA D 78 22.21 6.61 -3.33
CA ALA D 78 22.79 7.58 -4.26
C ALA D 78 21.73 8.51 -4.84
N GLY D 79 20.63 7.96 -5.32
CA GLY D 79 19.55 8.79 -5.84
C GLY D 79 19.01 9.77 -4.82
N GLU D 80 18.75 9.29 -3.60
CA GLU D 80 18.39 10.19 -2.50
C GLU D 80 19.41 11.30 -2.33
N ALA D 81 20.69 10.95 -2.28
CA ALA D 81 21.73 11.96 -2.14
C ALA D 81 21.65 12.99 -3.24
N SER D 82 21.55 12.53 -4.49
CA SER D 82 21.45 13.39 -5.66
C SER D 82 20.31 14.37 -5.50
N ARG D 83 19.11 13.87 -5.21
CA ARG D 83 17.97 14.76 -5.04
C ARG D 83 18.16 15.70 -3.86
N LEU D 84 18.61 15.17 -2.73
CA LEU D 84 18.82 16.00 -1.55
C LEU D 84 19.91 17.04 -1.76
N ALA D 85 20.74 16.88 -2.78
CA ALA D 85 21.74 17.88 -3.07
C ALA D 85 21.22 18.93 -4.03
N HIS D 86 20.41 18.52 -5.02
CA HIS D 86 19.75 19.51 -5.86
C HIS D 86 18.79 20.33 -5.03
N TYR D 87 18.13 19.68 -4.08
CA TYR D 87 17.15 20.33 -3.23
C TYR D 87 17.72 21.56 -2.55
N ASN D 88 18.97 21.50 -2.12
CA ASN D 88 19.67 22.60 -1.48
C ASN D 88 20.44 23.49 -2.48
N LYS D 89 20.21 23.38 -3.81
CA LYS D 89 20.97 24.13 -4.80
C LYS D 89 22.46 23.88 -4.60
N ARG D 90 22.78 22.68 -4.14
CA ARG D 90 24.14 22.30 -3.79
C ARG D 90 24.62 21.34 -4.87
N SER D 91 25.92 21.35 -5.17
CA SER D 91 26.39 20.53 -6.29
C SER D 91 27.05 19.22 -5.89
N THR D 92 27.49 19.09 -4.63
CA THR D 92 28.44 18.06 -4.21
C THR D 92 27.87 17.06 -3.20
N ILE D 93 27.95 15.74 -3.44
CA ILE D 93 27.56 14.76 -2.42
C ILE D 93 28.77 14.50 -1.55
N THR D 94 28.68 14.88 -0.29
CA THR D 94 29.71 14.69 0.70
C THR D 94 29.12 13.76 1.75
N SER D 95 29.94 13.37 2.73
CA SER D 95 29.46 12.50 3.80
C SER D 95 28.13 12.96 4.37
N ARG D 96 27.92 14.27 4.50
CA ARG D 96 26.65 14.73 5.05
C ARG D 96 25.45 14.26 4.25
N GLU D 97 25.51 14.33 2.92
CA GLU D 97 24.37 13.89 2.13
C GLU D 97 24.13 12.40 2.26
N ILE D 98 25.17 11.59 2.15
CA ILE D 98 24.98 10.16 2.35
C ILE D 98 24.34 9.89 3.71
N GLN D 99 24.92 10.46 4.76
CA GLN D 99 24.36 10.30 6.11
C GLN D 99 22.88 10.62 6.16
N THR D 100 22.50 11.80 5.71
CA THR D 100 21.09 12.16 5.64
C THR D 100 20.27 11.14 4.87
N ALA D 101 20.66 10.84 3.64
CA ALA D 101 19.97 9.85 2.83
C ALA D 101 19.76 8.54 3.60
N VAL D 102 20.83 8.03 4.20
CA VAL D 102 20.73 6.84 5.03
C VAL D 102 19.63 7.00 6.06
N ARG D 103 19.78 7.97 6.96
CA ARG D 103 18.73 8.22 7.95
C ARG D 103 17.32 8.19 7.36
N LEU D 104 17.13 8.79 6.19
CA LEU D 104 15.82 8.73 5.55
C LEU D 104 15.43 7.30 5.20
N LEU D 105 16.31 6.56 4.54
CA LEU D 105 15.89 5.28 3.97
C LEU D 105 15.83 4.17 5.01
N LEU D 106 16.89 3.96 5.75
CA LEU D 106 16.87 2.84 6.69
C LEU D 106 16.01 3.18 7.90
N PRO D 107 15.08 2.31 8.29
CA PRO D 107 14.26 2.56 9.48
C PRO D 107 14.96 2.21 10.78
N GLY D 108 14.95 3.16 11.70
CA GLY D 108 15.43 2.96 13.07
C GLY D 108 16.78 2.32 13.29
N GLU D 109 16.80 1.18 14.00
CA GLU D 109 18.06 0.58 14.42
C GLU D 109 19.07 0.45 13.29
N LEU D 110 18.61 0.08 12.10
CA LEU D 110 19.47 0.14 10.93
C LEU D 110 20.06 1.52 10.75
N ALA D 111 19.20 2.54 10.69
CA ALA D 111 19.69 3.92 10.58
C ALA D 111 20.80 4.20 11.59
N LYS D 112 20.50 4.01 12.88
CA LYS D 112 21.49 4.25 13.92
C LYS D 112 22.80 3.53 13.68
N HIS D 113 22.77 2.19 13.63
CA HIS D 113 24.01 1.45 13.50
C HIS D 113 24.77 1.80 12.22
N ALA D 114 24.06 1.85 11.10
CA ALA D 114 24.67 2.22 9.83
C ALA D 114 25.38 3.57 9.90
N VAL D 115 24.67 4.60 10.33
CA VAL D 115 25.29 5.91 10.54
C VAL D 115 26.53 5.81 11.39
N SER D 116 26.42 5.21 12.57
CA SER D 116 27.58 5.08 13.45
C SER D 116 28.76 4.44 12.74
N GLU D 117 28.52 3.30 12.10
CA GLU D 117 29.57 2.59 11.38
C GLU D 117 30.20 3.47 10.31
N GLY D 118 29.38 4.06 9.45
CA GLY D 118 29.89 4.94 8.42
C GLY D 118 30.77 6.04 8.97
N THR D 119 30.28 6.73 10.00
CA THR D 119 31.10 7.72 10.68
C THR D 119 32.45 7.15 11.10
N LYS D 120 32.43 6.03 11.81
CA LYS D 120 33.67 5.35 12.19
C LYS D 120 34.62 5.19 11.02
N ALA D 121 34.12 4.56 9.95
CA ALA D 121 34.92 4.31 8.76
C ALA D 121 35.52 5.59 8.19
N VAL D 122 34.69 6.60 7.95
CA VAL D 122 35.21 7.83 7.36
C VAL D 122 36.21 8.52 8.28
N THR D 123 35.95 8.52 9.59
CA THR D 123 36.96 8.95 10.55
C THR D 123 38.30 8.27 10.32
N LYS D 124 38.31 6.93 10.33
CA LYS D 124 39.51 6.12 10.14
C LYS D 124 40.20 6.48 8.83
N TYR D 125 39.42 6.66 7.77
CA TYR D 125 39.95 7.09 6.48
C TYR D 125 40.66 8.44 6.58
N THR D 126 40.01 9.43 7.16
CA THR D 126 40.65 10.74 7.25
C THR D 126 41.89 10.72 8.14
N SER D 127 41.90 9.85 9.15
CA SER D 127 43.03 9.81 10.07
C SER D 127 44.32 9.39 9.37
N ALA D 128 44.23 8.53 8.37
CA ALA D 128 45.42 8.10 7.64
C ALA D 128 45.49 8.75 6.26
N PRO E 42 -10.16 -49.27 4.37
CA PRO E 42 -10.85 -48.04 3.96
C PRO E 42 -10.32 -46.81 4.69
N HIS E 43 -9.85 -45.82 3.93
CA HIS E 43 -9.27 -44.63 4.53
C HIS E 43 -9.69 -43.40 3.72
N ARG E 44 -10.14 -42.37 4.41
CA ARG E 44 -10.58 -41.13 3.76
C ARG E 44 -10.38 -39.98 4.72
N TYR E 45 -9.48 -39.07 4.35
CA TYR E 45 -9.25 -37.87 5.15
C TYR E 45 -10.49 -36.99 5.24
N ARG E 46 -10.77 -36.50 6.45
CA ARG E 46 -11.84 -35.53 6.61
C ARG E 46 -11.48 -34.34 5.73
N PRO E 47 -12.44 -33.79 5.00
CA PRO E 47 -12.18 -32.60 4.20
C PRO E 47 -11.55 -31.48 4.99
N GLY E 48 -10.51 -30.89 4.42
CA GLY E 48 -9.70 -29.90 5.09
C GLY E 48 -8.45 -30.42 5.78
N THR E 49 -8.30 -31.72 5.96
CA THR E 49 -7.03 -32.20 6.50
C THR E 49 -5.92 -32.17 5.47
N VAL E 50 -6.04 -32.99 4.42
CA VAL E 50 -5.08 -32.97 3.34
C VAL E 50 -4.81 -31.55 2.87
N ALA E 51 -5.84 -30.71 2.85
CA ALA E 51 -5.62 -29.31 2.50
C ALA E 51 -4.56 -28.68 3.39
N LEU E 52 -4.67 -28.78 4.72
CA LEU E 52 -3.69 -28.26 5.66
C LEU E 52 -2.31 -28.90 5.46
N ARG E 53 -2.23 -30.21 5.22
CA ARG E 53 -0.97 -30.85 4.86
C ARG E 53 -0.36 -30.21 3.61
N GLU E 54 -1.17 -30.05 2.58
CA GLU E 54 -0.78 -29.37 1.36
C GLU E 54 -0.23 -27.97 1.62
N ILE E 55 -0.90 -27.20 2.48
CA ILE E 55 -0.39 -25.87 2.79
C ILE E 55 1.01 -25.95 3.38
N ARG E 56 1.19 -26.78 4.42
CA ARG E 56 2.49 -26.94 5.06
C ARG E 56 3.53 -27.34 4.03
N ARG E 57 3.16 -28.16 3.05
CA ARG E 57 4.09 -28.56 2.01
C ARG E 57 4.45 -27.39 1.11
N TYR E 58 3.46 -26.78 0.46
CA TYR E 58 3.79 -25.73 -0.49
C TYR E 58 4.34 -24.47 0.15
N GLN E 59 4.30 -24.35 1.47
CA GLN E 59 5.06 -23.25 2.07
C GLN E 59 6.49 -23.66 2.38
N LYS E 60 6.71 -24.87 2.90
CA LYS E 60 8.08 -25.33 3.06
C LYS E 60 8.85 -25.32 1.75
N SER E 61 8.17 -25.43 0.63
CA SER E 61 8.80 -25.56 -0.67
C SER E 61 8.90 -24.21 -1.37
N THR E 62 9.81 -24.14 -2.35
CA THR E 62 10.06 -22.95 -3.14
C THR E 62 9.81 -23.12 -4.62
N GLU E 63 9.85 -24.35 -5.13
CA GLU E 63 9.80 -24.61 -6.56
C GLU E 63 8.59 -23.94 -7.21
N LEU E 64 8.75 -23.67 -8.50
CA LEU E 64 7.73 -22.96 -9.29
C LEU E 64 6.40 -23.69 -9.34
N LEU E 65 5.32 -23.06 -8.91
CA LEU E 65 4.00 -23.66 -8.78
C LEU E 65 3.25 -23.77 -10.10
N ILE E 66 3.61 -22.99 -11.13
CA ILE E 66 2.94 -23.06 -12.43
C ILE E 66 3.85 -23.81 -13.39
N ARG E 67 3.27 -24.76 -14.12
CA ARG E 67 4.00 -25.40 -15.19
C ARG E 67 4.63 -24.35 -16.10
N LYS E 68 5.89 -24.56 -16.46
CA LYS E 68 6.66 -23.53 -17.14
C LYS E 68 6.19 -23.32 -18.57
N LEU E 69 6.13 -24.39 -19.34
CA LEU E 69 5.76 -24.26 -20.76
C LEU E 69 4.40 -23.60 -21.00
N PRO E 70 3.32 -23.97 -20.31
CA PRO E 70 2.09 -23.20 -20.50
C PRO E 70 2.24 -21.72 -20.18
N PHE E 71 2.84 -21.39 -19.05
CA PHE E 71 3.11 -19.98 -18.74
C PHE E 71 3.87 -19.29 -19.86
N GLN E 72 4.91 -19.92 -20.37
CA GLN E 72 5.66 -19.36 -21.50
C GLN E 72 4.73 -19.06 -22.67
N ARG E 73 3.96 -20.05 -23.10
CA ARG E 73 3.06 -19.81 -24.22
C ARG E 73 2.06 -18.70 -23.91
N LEU E 74 1.65 -18.57 -22.66
CA LEU E 74 0.79 -17.47 -22.26
C LEU E 74 1.47 -16.13 -22.46
N VAL E 75 2.66 -15.97 -21.87
CA VAL E 75 3.45 -14.76 -22.04
C VAL E 75 3.53 -14.37 -23.50
N ARG E 76 3.89 -15.31 -24.38
CA ARG E 76 3.99 -15.04 -25.81
C ARG E 76 2.65 -14.61 -26.37
N GLU E 77 1.57 -15.25 -25.97
CA GLU E 77 0.24 -14.81 -26.38
C GLU E 77 0.00 -13.35 -26.04
N ILE E 78 0.38 -12.95 -24.83
CA ILE E 78 0.18 -11.58 -24.41
C ILE E 78 1.01 -10.64 -25.28
N ALA E 79 2.31 -10.89 -25.36
CA ALA E 79 3.21 -10.06 -26.15
C ALA E 79 2.68 -9.83 -27.55
N GLN E 80 2.09 -10.87 -28.14
CA GLN E 80 1.55 -10.79 -29.50
C GLN E 80 0.70 -9.55 -29.77
N ASP E 81 0.12 -8.94 -28.75
CA ASP E 81 -0.64 -7.72 -28.97
C ASP E 81 0.23 -6.48 -29.09
N PHE E 82 1.39 -6.45 -28.43
CA PHE E 82 2.22 -5.25 -28.42
C PHE E 82 3.22 -5.25 -29.57
N LYS E 83 3.82 -6.38 -29.86
CA LYS E 83 4.79 -6.42 -30.94
C LYS E 83 4.70 -7.82 -31.52
N THR E 84 4.70 -7.90 -32.83
CA THR E 84 4.67 -9.19 -33.49
C THR E 84 6.08 -9.76 -33.53
N ASP E 85 6.16 -11.09 -33.57
CA ASP E 85 7.39 -11.89 -33.70
C ASP E 85 8.46 -11.49 -32.66
N LEU E 86 8.09 -11.32 -31.39
CA LEU E 86 9.06 -11.07 -30.34
C LEU E 86 9.80 -12.34 -29.99
N ARG E 87 11.00 -12.18 -29.45
CA ARG E 87 11.79 -13.28 -28.94
C ARG E 87 12.12 -12.99 -27.49
N PHE E 88 11.93 -13.96 -26.62
CA PHE E 88 12.16 -13.80 -25.18
C PHE E 88 13.33 -14.67 -24.77
N GLN E 89 14.38 -14.09 -24.17
CA GLN E 89 15.32 -14.92 -23.46
C GLN E 89 14.58 -15.76 -22.44
N SER E 90 14.98 -17.02 -22.34
CA SER E 90 14.45 -17.89 -21.29
C SER E 90 14.47 -17.18 -19.95
N SER E 91 15.63 -16.65 -19.57
CA SER E 91 15.74 -15.91 -18.32
C SER E 91 14.60 -14.91 -18.13
N ALA E 92 14.27 -14.14 -19.17
CA ALA E 92 13.16 -13.19 -19.08
C ALA E 92 11.86 -13.88 -18.67
N VAL E 93 11.47 -14.92 -19.39
CA VAL E 93 10.28 -15.70 -19.01
C VAL E 93 10.37 -16.12 -17.56
N MET E 94 11.52 -16.67 -17.16
CA MET E 94 11.69 -17.11 -15.78
C MET E 94 11.44 -15.98 -14.80
N ALA E 95 11.97 -14.80 -15.10
CA ALA E 95 11.75 -13.63 -14.25
C ALA E 95 10.27 -13.32 -14.14
N LEU E 96 9.58 -13.19 -15.28
CA LEU E 96 8.14 -12.93 -15.29
C LEU E 96 7.44 -13.95 -14.44
N GLN E 97 7.80 -15.22 -14.55
CA GLN E 97 7.13 -16.22 -13.73
C GLN E 97 7.34 -15.96 -12.25
N GLU E 98 8.59 -15.73 -11.83
CA GLU E 98 8.81 -15.41 -10.42
C GLU E 98 7.93 -14.25 -9.97
N ALA E 99 7.82 -13.24 -10.82
CA ALA E 99 7.06 -12.05 -10.46
C ALA E 99 5.58 -12.37 -10.35
N CYS E 100 5.00 -13.01 -11.37
CA CYS E 100 3.58 -13.36 -11.40
C CYS E 100 3.20 -14.27 -10.26
N GLU E 101 4.01 -15.29 -10.00
CA GLU E 101 3.75 -16.10 -8.82
C GLU E 101 3.75 -15.30 -7.54
N ALA E 102 4.82 -14.53 -7.30
CA ALA E 102 4.87 -13.70 -6.10
C ALA E 102 3.63 -12.84 -5.96
N TYR E 103 3.28 -12.12 -7.02
CA TYR E 103 2.10 -11.28 -7.02
C TYR E 103 0.87 -12.05 -6.59
N LEU E 104 0.51 -13.10 -7.33
CA LEU E 104 -0.66 -13.90 -6.93
C LEU E 104 -0.59 -14.40 -5.50
N VAL E 105 0.57 -14.93 -5.09
CA VAL E 105 0.69 -15.43 -3.72
C VAL E 105 0.31 -14.34 -2.72
N GLY E 106 0.97 -13.19 -2.80
CA GLY E 106 0.60 -12.08 -1.94
C GLY E 106 -0.86 -11.71 -2.03
N LEU E 107 -1.41 -11.69 -3.24
CA LEU E 107 -2.83 -11.45 -3.43
C LEU E 107 -3.68 -12.42 -2.62
N PHE E 108 -3.40 -13.72 -2.71
CA PHE E 108 -4.15 -14.69 -1.93
C PHE E 108 -3.95 -14.52 -0.43
N GLU E 109 -2.73 -14.26 0.04
CA GLU E 109 -2.56 -13.91 1.44
C GLU E 109 -3.56 -12.82 1.86
N ASP E 110 -3.47 -11.65 1.24
CA ASP E 110 -4.43 -10.58 1.52
C ASP E 110 -5.89 -11.05 1.44
N THR E 111 -6.24 -11.71 0.34
CA THR E 111 -7.59 -12.21 0.16
C THR E 111 -8.04 -13.08 1.32
N ASN E 112 -7.24 -14.06 1.68
CA ASN E 112 -7.49 -14.88 2.86
C ASN E 112 -7.74 -14.03 4.10
N LEU E 113 -6.88 -13.05 4.33
CA LEU E 113 -7.11 -12.13 5.44
C LEU E 113 -8.54 -11.60 5.41
N CYS E 114 -8.92 -10.99 4.30
CA CYS E 114 -10.30 -10.54 4.12
C CYS E 114 -11.31 -11.62 4.47
N ALA E 115 -11.19 -12.78 3.83
CA ALA E 115 -12.16 -13.86 4.01
C ALA E 115 -12.32 -14.24 5.47
N ILE E 116 -11.22 -14.46 6.16
CA ILE E 116 -11.28 -14.70 7.60
C ILE E 116 -11.99 -13.56 8.31
N HIS E 117 -11.62 -12.33 7.99
CA HIS E 117 -12.24 -11.17 8.59
C HIS E 117 -13.75 -11.14 8.35
N ALA E 118 -14.29 -11.79 7.31
CA ALA E 118 -15.74 -11.98 7.20
C ALA E 118 -16.24 -13.23 7.90
N LYS E 119 -15.43 -13.85 8.75
CA LYS E 119 -15.72 -15.11 9.42
C LYS E 119 -15.94 -16.26 8.45
N ARG E 120 -15.67 -16.06 7.18
CA ARG E 120 -15.71 -17.12 6.19
C ARG E 120 -14.38 -17.84 6.15
N VAL E 121 -14.22 -18.90 5.37
CA VAL E 121 -13.00 -19.63 5.10
C VAL E 121 -12.83 -19.78 3.60
N THR E 122 -13.90 -20.00 2.82
CA THR E 122 -13.76 -20.00 1.37
C THR E 122 -13.55 -18.58 0.86
N ILE E 123 -12.39 -18.30 0.30
CA ILE E 123 -12.18 -17.06 -0.43
C ILE E 123 -12.99 -17.06 -1.72
N MET E 124 -13.63 -15.94 -2.02
CA MET E 124 -14.59 -15.75 -3.09
C MET E 124 -14.11 -14.59 -3.95
N PRO E 125 -14.49 -14.45 -5.21
CA PRO E 125 -14.11 -13.24 -5.97
C PRO E 125 -14.39 -11.93 -5.30
N LYS E 126 -15.49 -11.78 -4.57
CA LYS E 126 -15.69 -10.51 -3.86
C LYS E 126 -14.52 -10.22 -2.93
N ASP E 127 -13.90 -11.23 -2.31
CA ASP E 127 -12.72 -11.01 -1.49
C ASP E 127 -11.50 -10.59 -2.31
N ILE E 128 -11.27 -11.16 -3.50
CA ILE E 128 -10.14 -10.69 -4.31
C ILE E 128 -10.37 -9.25 -4.75
N GLN E 129 -11.49 -8.99 -5.42
CA GLN E 129 -11.82 -7.62 -5.78
C GLN E 129 -11.61 -6.67 -4.61
N LEU E 130 -12.08 -7.02 -3.42
CA LEU E 130 -11.81 -6.19 -2.25
C LEU E 130 -10.33 -5.96 -2.03
N ALA E 131 -9.56 -7.05 -1.90
CA ALA E 131 -8.11 -6.95 -1.75
C ALA E 131 -7.49 -5.98 -2.73
N ARG E 132 -7.78 -6.14 -4.01
CA ARG E 132 -7.23 -5.24 -5.02
C ARG E 132 -7.68 -3.80 -4.78
N ARG E 133 -8.99 -3.58 -4.65
CA ARG E 133 -9.49 -2.23 -4.37
C ARG E 133 -8.74 -1.57 -3.23
N ILE E 134 -8.43 -2.32 -2.18
CA ILE E 134 -7.75 -1.71 -1.05
C ILE E 134 -6.28 -1.46 -1.34
N ARG E 135 -5.61 -2.41 -1.99
CA ARG E 135 -4.24 -2.18 -2.42
C ARG E 135 -4.10 -0.99 -3.34
N GLY E 136 -5.17 -0.61 -4.01
CA GLY E 136 -5.12 0.45 -4.97
C GLY E 136 -4.98 -0.06 -6.38
N GLU E 137 -4.75 -1.36 -6.57
CA GLU E 137 -5.05 -2.01 -7.82
C GLU E 137 -6.56 -1.82 -8.09
N ARG E 138 -7.02 -1.80 -9.34
CA ARG E 138 -8.46 -1.66 -9.58
C ARG E 138 -8.91 -2.31 -10.86
N ALA E 139 -10.19 -2.68 -10.89
CA ALA E 139 -10.83 -3.28 -12.05
C ALA E 139 -10.86 -2.34 -13.26
N LYS F 24 3.17 -17.62 -35.66
CA LYS F 24 1.78 -18.06 -35.64
C LYS F 24 1.01 -17.38 -34.51
N VAL F 25 -0.30 -17.27 -34.67
CA VAL F 25 -1.18 -16.70 -33.64
C VAL F 25 -1.50 -17.70 -32.53
N LEU F 26 -0.73 -17.65 -31.46
CA LEU F 26 -1.13 -18.31 -30.21
C LEU F 26 -2.44 -17.71 -29.72
N ARG F 27 -3.41 -18.57 -29.41
CA ARG F 27 -4.73 -18.12 -29.00
C ARG F 27 -5.25 -18.89 -27.80
N ASP F 28 -5.91 -18.17 -26.89
CA ASP F 28 -6.65 -18.77 -25.77
C ASP F 28 -5.74 -19.60 -24.88
N ASN F 29 -4.51 -19.13 -24.69
CA ASN F 29 -3.56 -19.88 -23.87
C ASN F 29 -3.78 -19.68 -22.38
N ILE F 30 -4.58 -18.69 -21.98
CA ILE F 30 -4.78 -18.39 -20.56
C ILE F 30 -5.34 -19.58 -19.80
N GLN F 31 -6.06 -20.48 -20.48
CA GLN F 31 -6.49 -21.69 -19.79
C GLN F 31 -5.32 -22.55 -19.37
N GLY F 32 -4.14 -22.32 -19.96
CA GLY F 32 -2.94 -22.98 -19.49
C GLY F 32 -2.56 -22.68 -18.05
N ILE F 33 -3.10 -21.60 -17.48
CA ILE F 33 -3.00 -21.42 -16.05
C ILE F 33 -4.04 -22.31 -15.40
N THR F 34 -3.77 -23.61 -15.37
CA THR F 34 -4.78 -24.60 -15.05
C THR F 34 -5.22 -24.49 -13.60
N LYS F 35 -6.51 -24.71 -13.37
CA LYS F 35 -7.14 -24.81 -12.06
C LYS F 35 -6.24 -25.33 -10.95
N PRO F 36 -5.67 -26.53 -11.05
CA PRO F 36 -4.81 -26.99 -9.96
C PRO F 36 -3.62 -26.07 -9.70
N ALA F 37 -3.08 -25.43 -10.73
CA ALA F 37 -1.96 -24.52 -10.48
C ALA F 37 -2.41 -23.33 -9.63
N ILE F 38 -3.58 -22.78 -9.92
CA ILE F 38 -4.18 -21.76 -9.05
C ILE F 38 -4.36 -22.33 -7.65
N ARG F 39 -4.84 -23.57 -7.53
CA ARG F 39 -5.02 -24.17 -6.22
C ARG F 39 -3.71 -24.24 -5.45
N ARG F 40 -2.62 -24.64 -6.10
CA ARG F 40 -1.28 -24.68 -5.49
C ARG F 40 -0.85 -23.30 -5.05
N LEU F 41 -0.98 -22.29 -5.90
CA LEU F 41 -0.60 -20.94 -5.49
C LEU F 41 -1.39 -20.51 -4.26
N ALA F 42 -2.68 -20.81 -4.25
CA ALA F 42 -3.50 -20.47 -3.09
C ALA F 42 -2.98 -21.15 -1.85
N ARG F 43 -2.71 -22.45 -1.94
CA ARG F 43 -2.17 -23.17 -0.79
C ARG F 43 -0.94 -22.46 -0.26
N ARG F 44 -0.02 -22.09 -1.16
CA ARG F 44 1.11 -21.29 -0.72
C ARG F 44 0.66 -20.02 -0.01
N GLY F 45 -0.45 -19.44 -0.45
CA GLY F 45 -0.94 -18.29 0.28
C GLY F 45 -1.50 -18.60 1.65
N GLY F 46 -1.73 -19.87 1.96
CA GLY F 46 -2.44 -20.22 3.17
C GLY F 46 -3.94 -20.27 3.02
N VAL F 47 -4.44 -20.43 1.81
CA VAL F 47 -5.87 -20.49 1.53
C VAL F 47 -6.35 -21.92 1.71
N LYS F 48 -7.36 -22.13 2.55
CA LYS F 48 -7.79 -23.50 2.82
C LYS F 48 -8.92 -23.94 1.92
N ARG F 49 -9.83 -23.06 1.56
CA ARG F 49 -11.00 -23.44 0.79
C ARG F 49 -11.25 -22.41 -0.27
N ILE F 50 -11.57 -22.85 -1.48
CA ILE F 50 -11.59 -21.98 -2.65
C ILE F 50 -12.89 -22.19 -3.38
N SER F 51 -13.66 -21.12 -3.54
CA SER F 51 -14.87 -21.18 -4.34
C SER F 51 -14.53 -21.31 -5.81
N GLY F 52 -15.23 -22.20 -6.51
CA GLY F 52 -14.97 -22.47 -7.91
C GLY F 52 -15.00 -21.26 -8.81
N LEU F 53 -15.53 -20.14 -8.31
CA LEU F 53 -15.52 -18.90 -9.07
C LEU F 53 -14.17 -18.21 -9.08
N ILE F 54 -13.31 -18.47 -8.09
CA ILE F 54 -11.99 -17.84 -8.03
C ILE F 54 -11.25 -17.96 -9.35
N TYR F 55 -11.27 -19.13 -9.98
CA TYR F 55 -10.41 -19.36 -11.13
C TYR F 55 -10.57 -18.29 -12.21
N GLU F 56 -11.79 -18.00 -12.64
CA GLU F 56 -11.93 -17.02 -13.70
C GLU F 56 -11.44 -15.64 -13.26
N GLU F 57 -11.79 -15.24 -12.04
CA GLU F 57 -11.28 -14.00 -11.47
C GLU F 57 -9.76 -13.95 -11.47
N THR F 58 -9.09 -14.98 -10.94
CA THR F 58 -7.64 -14.91 -10.79
C THR F 58 -6.95 -14.98 -12.15
N ARG F 59 -7.45 -15.74 -13.12
CA ARG F 59 -6.95 -15.61 -14.49
C ARG F 59 -7.09 -14.17 -15.01
N GLY F 60 -8.26 -13.56 -14.85
CA GLY F 60 -8.41 -12.21 -15.35
C GLY F 60 -7.45 -11.22 -14.71
N VAL F 61 -7.38 -11.25 -13.38
CA VAL F 61 -6.37 -10.51 -12.63
C VAL F 61 -4.99 -10.71 -13.24
N LEU F 62 -4.59 -11.97 -13.39
CA LEU F 62 -3.25 -12.32 -13.83
C LEU F 62 -3.00 -11.77 -15.23
N LYS F 63 -3.92 -11.97 -16.17
CA LYS F 63 -3.82 -11.38 -17.49
C LYS F 63 -3.57 -9.88 -17.40
N VAL F 64 -4.34 -9.18 -16.57
CA VAL F 64 -4.12 -7.75 -16.37
C VAL F 64 -2.67 -7.48 -15.98
N PHE F 65 -2.25 -8.03 -14.85
CA PHE F 65 -0.86 -7.93 -14.40
C PHE F 65 0.16 -8.10 -15.51
N LEU F 66 0.14 -9.26 -16.17
CA LEU F 66 1.02 -9.49 -17.31
C LEU F 66 0.93 -8.39 -18.35
N GLU F 67 -0.28 -8.05 -18.79
CA GLU F 67 -0.40 -6.94 -19.73
C GLU F 67 0.47 -5.77 -19.30
N ASN F 68 0.29 -5.29 -18.08
CA ASN F 68 1.11 -4.16 -17.63
C ASN F 68 2.61 -4.45 -17.71
N VAL F 69 3.07 -5.48 -16.99
CA VAL F 69 4.50 -5.82 -16.98
C VAL F 69 5.06 -5.90 -18.40
N ILE F 70 4.42 -6.70 -19.25
CA ILE F 70 4.89 -6.94 -20.60
C ILE F 70 4.88 -5.63 -21.38
N ARG F 71 3.87 -4.75 -21.21
CA ARG F 71 3.86 -3.48 -21.91
C ARG F 71 5.10 -2.66 -21.57
N ASP F 72 5.44 -2.61 -20.28
CA ASP F 72 6.64 -1.87 -19.90
C ASP F 72 7.91 -2.52 -20.45
N ALA F 73 8.03 -3.84 -20.31
CA ALA F 73 9.22 -4.53 -20.79
C ALA F 73 9.41 -4.32 -22.29
N VAL F 74 8.40 -4.69 -23.08
CA VAL F 74 8.38 -4.43 -24.50
C VAL F 74 8.74 -2.99 -24.81
N THR F 75 8.25 -2.04 -24.01
CA THR F 75 8.56 -0.64 -24.31
C THR F 75 10.05 -0.34 -24.16
N TYR F 76 10.67 -0.83 -23.09
CA TYR F 76 12.13 -0.73 -23.01
C TYR F 76 12.82 -1.37 -24.21
N THR F 77 12.41 -2.60 -24.53
CA THR F 77 12.96 -3.27 -25.71
C THR F 77 12.87 -2.39 -26.95
N GLU F 78 11.66 -1.96 -27.31
CA GLU F 78 11.47 -1.05 -28.42
C GLU F 78 12.48 0.08 -28.37
N HIS F 79 12.61 0.74 -27.22
CA HIS F 79 13.50 1.87 -27.13
C HIS F 79 14.92 1.47 -27.46
N ALA F 80 15.40 0.36 -26.91
CA ALA F 80 16.73 -0.12 -27.25
C ALA F 80 16.86 -0.57 -28.70
N LYS F 81 15.76 -0.78 -29.41
CA LYS F 81 15.73 -1.43 -30.71
C LYS F 81 16.25 -2.86 -30.71
N ARG F 82 16.44 -3.46 -29.54
CA ARG F 82 16.57 -4.91 -29.54
C ARG F 82 15.24 -5.51 -29.98
N LYS F 83 15.27 -6.80 -30.31
CA LYS F 83 14.04 -7.54 -30.47
C LYS F 83 13.83 -8.66 -29.46
N THR F 84 14.85 -9.03 -28.70
CA THR F 84 14.67 -9.96 -27.60
C THR F 84 14.34 -9.20 -26.33
N VAL F 85 13.14 -9.39 -25.80
CA VAL F 85 12.85 -8.97 -24.44
C VAL F 85 13.78 -9.69 -23.49
N THR F 86 14.51 -8.93 -22.69
CA THR F 86 15.62 -9.44 -21.91
C THR F 86 15.27 -9.38 -20.44
N ALA F 87 15.74 -10.37 -19.69
CA ALA F 87 15.41 -10.46 -18.27
C ALA F 87 15.58 -9.12 -17.59
N MET F 88 16.65 -8.42 -17.90
CA MET F 88 16.85 -7.07 -17.38
C MET F 88 15.64 -6.19 -17.65
N ASP F 89 15.06 -6.26 -18.83
CA ASP F 89 13.88 -5.44 -19.10
C ASP F 89 12.72 -5.78 -18.17
N VAL F 90 12.44 -7.06 -17.97
CA VAL F 90 11.39 -7.43 -17.03
C VAL F 90 11.67 -6.89 -15.64
N VAL F 91 12.89 -7.09 -15.14
CA VAL F 91 13.19 -6.59 -13.80
C VAL F 91 12.94 -5.10 -13.74
N TYR F 92 13.42 -4.35 -14.73
CA TYR F 92 13.24 -2.90 -14.71
C TYR F 92 11.76 -2.52 -14.75
N ALA F 93 10.97 -3.22 -15.55
CA ALA F 93 9.54 -2.96 -15.57
C ALA F 93 8.97 -3.08 -14.16
N LEU F 94 9.19 -4.25 -13.55
CA LEU F 94 8.73 -4.45 -12.17
C LEU F 94 9.21 -3.33 -11.27
N LYS F 95 10.49 -2.98 -11.35
CA LYS F 95 11.03 -1.87 -10.56
C LYS F 95 10.18 -0.62 -10.71
N ARG F 96 9.78 -0.31 -11.94
CA ARG F 96 8.84 0.79 -12.12
C ARG F 96 7.54 0.57 -11.36
N GLN F 97 7.02 -0.65 -11.38
CA GLN F 97 5.75 -0.85 -10.71
C GLN F 97 5.87 -0.84 -9.20
N GLY F 98 7.07 -0.77 -8.66
CA GLY F 98 7.28 -0.97 -7.24
C GLY F 98 7.24 -2.42 -6.81
N ARG F 99 7.78 -3.30 -7.63
CA ARG F 99 7.69 -4.73 -7.42
C ARG F 99 9.07 -5.36 -7.66
N THR F 100 10.11 -4.66 -7.22
CA THR F 100 11.48 -4.99 -7.59
C THR F 100 11.77 -6.48 -7.39
N LEU F 101 12.50 -7.04 -8.35
CA LEU F 101 12.82 -8.46 -8.40
C LEU F 101 14.31 -8.64 -8.24
N TYR F 102 14.71 -9.40 -7.24
CA TYR F 102 16.11 -9.70 -6.98
C TYR F 102 16.47 -11.08 -7.48
N GLY F 103 17.55 -11.17 -8.24
CA GLY F 103 18.04 -12.46 -8.69
C GLY F 103 18.14 -12.66 -10.18
N PHE F 104 18.18 -11.58 -10.94
CA PHE F 104 18.26 -11.66 -12.39
C PHE F 104 19.30 -10.70 -12.96
N GLY F 105 20.16 -10.14 -12.12
CA GLY F 105 21.13 -9.15 -12.54
C GLY F 105 20.72 -7.71 -12.34
N GLY F 106 19.74 -7.44 -11.49
CA GLY F 106 19.28 -6.09 -11.24
C GLY F 106 20.36 -5.08 -10.90
N ALA G 14 22.16 41.91 -39.38
CA ALA G 14 23.00 40.74 -39.34
C ALA G 14 22.45 39.71 -38.36
N ARG G 15 21.59 40.17 -37.46
CA ARG G 15 20.99 39.33 -36.43
C ARG G 15 19.52 39.12 -36.74
N ALA G 16 19.15 37.86 -36.97
CA ALA G 16 17.76 37.51 -37.16
C ALA G 16 16.93 37.88 -35.94
N LYS G 17 15.68 38.26 -36.19
CA LYS G 17 14.76 38.63 -35.12
C LYS G 17 14.60 37.48 -34.14
N ALA G 18 15.09 37.67 -32.93
CA ALA G 18 14.94 36.69 -31.87
C ALA G 18 13.49 36.29 -31.68
N LYS G 19 13.19 35.01 -31.93
CA LYS G 19 11.89 34.41 -31.62
C LYS G 19 12.14 33.17 -30.80
N THR G 20 11.49 33.09 -29.64
CA THR G 20 11.68 31.97 -28.73
C THR G 20 11.46 30.65 -29.43
N ARG G 21 12.29 29.66 -29.12
CA ARG G 21 12.07 28.30 -29.56
C ARG G 21 10.62 27.88 -29.39
N SER G 22 10.00 28.30 -28.29
CA SER G 22 8.58 28.07 -28.08
C SER G 22 7.78 28.37 -29.33
N SER G 23 7.85 29.61 -29.80
CA SER G 23 7.19 29.99 -31.05
C SER G 23 7.48 29.00 -32.16
N ARG G 24 8.77 28.72 -32.40
CA ARG G 24 9.14 27.69 -33.37
C ARG G 24 8.39 26.38 -33.15
N ALA G 25 8.02 26.08 -31.93
CA ALA G 25 7.36 24.82 -31.63
C ALA G 25 5.85 24.93 -31.65
N GLY G 26 5.28 26.13 -31.50
CA GLY G 26 3.84 26.35 -31.37
C GLY G 26 3.29 25.90 -30.01
N LEU G 27 3.99 26.19 -28.91
CA LEU G 27 3.64 25.74 -27.57
C LEU G 27 3.41 26.96 -26.71
N GLN G 28 2.66 26.78 -25.63
CA GLN G 28 2.53 27.79 -24.60
C GLN G 28 3.56 27.61 -23.48
N PHE G 29 3.98 26.38 -23.17
CA PHE G 29 4.98 26.19 -22.13
C PHE G 29 6.35 26.63 -22.65
N PRO G 30 7.18 27.20 -21.80
CA PRO G 30 8.51 27.63 -22.23
C PRO G 30 9.41 26.43 -22.44
N VAL G 31 9.86 26.25 -23.68
CA VAL G 31 10.82 25.19 -23.97
C VAL G 31 12.16 25.50 -23.34
N GLY G 32 12.67 26.71 -23.53
CA GLY G 32 13.95 27.05 -22.97
C GLY G 32 14.02 26.83 -21.46
N ARG G 33 12.95 27.20 -20.74
CA ARG G 33 12.91 26.92 -19.31
C ARG G 33 13.09 25.44 -19.03
N VAL G 34 12.37 24.60 -19.77
CA VAL G 34 12.52 23.16 -19.61
C VAL G 34 13.97 22.76 -19.82
N HIS G 35 14.53 23.07 -20.99
CA HIS G 35 15.94 22.86 -21.25
C HIS G 35 16.84 23.20 -20.07
N ARG G 36 16.75 24.45 -19.61
CA ARG G 36 17.56 24.87 -18.48
C ARG G 36 17.41 23.91 -17.30
N LEU G 37 16.17 23.61 -16.92
CA LEU G 37 15.95 22.68 -15.81
C LEU G 37 16.62 21.34 -16.06
N LEU G 38 16.41 20.75 -17.23
CA LEU G 38 17.07 19.49 -17.56
C LEU G 38 18.57 19.56 -17.33
N ARG G 39 19.23 20.59 -17.84
CA ARG G 39 20.67 20.68 -17.64
C ARG G 39 21.03 20.98 -16.18
N LYS G 40 20.26 21.79 -15.48
CA LYS G 40 20.45 22.07 -14.06
C LYS G 40 20.07 20.87 -13.20
N GLY G 41 19.42 19.83 -13.74
CA GLY G 41 19.06 18.71 -12.91
C GLY G 41 20.04 17.58 -12.98
N ASN G 42 21.10 17.73 -13.79
CA ASN G 42 22.10 16.70 -14.02
C ASN G 42 21.45 15.34 -14.32
N TYR G 43 20.37 15.33 -15.11
CA TYR G 43 19.83 14.06 -15.58
C TYR G 43 20.83 13.34 -16.45
N SER G 44 21.65 14.08 -17.17
CA SER G 44 22.62 13.54 -18.10
C SER G 44 23.60 14.65 -18.41
N GLU G 45 24.82 14.27 -18.77
CA GLU G 45 25.82 15.25 -19.13
C GLU G 45 25.39 16.05 -20.36
N ARG G 46 24.58 15.48 -21.25
CA ARG G 46 24.19 16.19 -22.45
C ARG G 46 22.71 15.97 -22.72
N VAL G 47 22.05 17.02 -23.21
CA VAL G 47 20.61 17.04 -23.43
C VAL G 47 20.38 17.41 -24.88
N GLY G 48 19.77 16.49 -25.63
CA GLY G 48 19.44 16.78 -27.02
C GLY G 48 18.51 17.96 -27.16
N ALA G 49 18.57 18.54 -28.36
CA ALA G 49 17.81 19.75 -28.65
C ALA G 49 16.31 19.49 -28.67
N GLY G 50 15.87 18.40 -29.28
CA GLY G 50 14.44 18.13 -29.36
C GLY G 50 13.82 17.65 -28.07
N ALA G 51 14.62 17.18 -27.12
CA ALA G 51 14.07 16.74 -25.84
C ALA G 51 13.29 17.82 -25.10
N PRO G 52 13.81 19.03 -24.87
CA PRO G 52 12.99 20.03 -24.19
C PRO G 52 11.74 20.39 -24.95
N VAL G 53 11.81 20.46 -26.28
CA VAL G 53 10.61 20.71 -27.07
C VAL G 53 9.56 19.66 -26.76
N TYR G 54 9.87 18.40 -27.03
CA TYR G 54 8.94 17.31 -26.77
C TYR G 54 8.39 17.35 -25.36
N LEU G 55 9.28 17.49 -24.37
CA LEU G 55 8.85 17.53 -22.98
C LEU G 55 7.85 18.65 -22.73
N ALA G 56 8.21 19.87 -23.10
CA ALA G 56 7.30 20.99 -22.98
C ALA G 56 5.95 20.67 -23.60
N ALA G 57 5.96 20.17 -24.83
CA ALA G 57 4.70 19.78 -25.48
C ALA G 57 3.88 18.83 -24.61
N VAL G 58 4.51 17.76 -24.12
CA VAL G 58 3.82 16.81 -23.25
C VAL G 58 3.18 17.51 -22.06
N LEU G 59 4.00 18.18 -21.25
CA LEU G 59 3.47 18.92 -20.10
C LEU G 59 2.31 19.81 -20.49
N GLU G 60 2.49 20.63 -21.51
CA GLU G 60 1.43 21.47 -22.02
C GLU G 60 0.16 20.67 -22.25
N TYR G 61 0.27 19.58 -22.98
CA TYR G 61 -0.89 18.73 -23.23
C TYR G 61 -1.59 18.33 -21.94
N LEU G 62 -0.85 17.69 -21.03
CA LEU G 62 -1.45 17.28 -19.75
C LEU G 62 -2.16 18.42 -19.05
N THR G 63 -1.45 19.52 -18.82
CA THR G 63 -2.07 20.73 -18.31
C THR G 63 -3.37 21.06 -18.99
N ALA G 64 -3.34 21.15 -20.33
CA ALA G 64 -4.54 21.44 -21.10
C ALA G 64 -5.66 20.48 -20.72
N GLU G 65 -5.37 19.19 -20.70
CA GLU G 65 -6.37 18.19 -20.36
C GLU G 65 -6.99 18.45 -19.00
N ILE G 66 -6.15 18.56 -17.97
CA ILE G 66 -6.63 18.86 -16.62
C ILE G 66 -7.54 20.07 -16.61
N LEU G 67 -7.04 21.20 -17.13
CA LEU G 67 -7.82 22.43 -17.11
C LEU G 67 -9.14 22.27 -17.84
N GLU G 68 -9.12 21.67 -19.03
CA GLU G 68 -10.37 21.37 -19.71
C GLU G 68 -11.38 20.67 -18.82
N LEU G 69 -11.02 19.49 -18.31
CA LEU G 69 -11.94 18.77 -17.44
C LEU G 69 -12.41 19.61 -16.26
N ALA G 70 -11.47 20.22 -15.54
CA ALA G 70 -11.83 21.03 -14.39
C ALA G 70 -12.83 22.12 -14.76
N GLY G 71 -12.54 22.90 -15.79
CA GLY G 71 -13.46 23.92 -16.25
C GLY G 71 -14.83 23.40 -16.63
N ASN G 72 -14.89 22.27 -17.31
CA ASN G 72 -16.17 21.57 -17.50
C ASN G 72 -16.89 21.42 -16.16
N ALA G 73 -16.20 20.80 -15.20
CA ALA G 73 -16.82 20.55 -13.90
C ALA G 73 -17.27 21.85 -13.25
N ALA G 74 -16.52 22.93 -13.48
CA ALA G 74 -16.91 24.25 -12.99
C ALA G 74 -18.24 24.68 -13.60
N ARG G 75 -18.40 24.61 -14.92
CA ARG G 75 -19.70 24.96 -15.51
C ARG G 75 -20.79 24.06 -14.96
N ASP G 76 -20.49 22.84 -14.55
CA ASP G 76 -21.50 22.04 -13.87
C ASP G 76 -21.81 22.55 -12.47
N ASN G 77 -20.84 23.12 -11.75
CA ASN G 77 -21.19 23.82 -10.52
C ASN G 77 -21.68 25.23 -10.77
N LYS G 78 -21.96 25.61 -12.02
CA LYS G 78 -22.20 26.99 -12.49
C LYS G 78 -21.19 28.01 -11.94
N LYS G 79 -19.98 27.54 -11.63
CA LYS G 79 -18.90 28.36 -11.08
C LYS G 79 -17.99 28.72 -12.24
N THR G 80 -17.74 30.02 -12.44
CA THR G 80 -16.87 30.45 -13.54
C THR G 80 -15.39 30.25 -13.30
N ARG G 81 -14.95 30.03 -12.06
CA ARG G 81 -13.53 30.09 -11.74
C ARG G 81 -13.11 28.81 -11.05
N ILE G 82 -12.07 28.17 -11.59
CA ILE G 82 -11.59 26.91 -11.07
C ILE G 82 -10.97 27.07 -9.69
N ILE G 83 -11.39 26.23 -8.77
CA ILE G 83 -10.84 26.16 -7.41
C ILE G 83 -10.45 24.71 -7.18
N PRO G 84 -9.59 24.43 -6.19
CA PRO G 84 -9.08 23.06 -6.03
C PRO G 84 -10.11 21.95 -6.11
N ARG G 85 -11.29 22.13 -5.49
CA ARG G 85 -12.31 21.09 -5.58
C ARG G 85 -12.58 20.71 -7.01
N HIS G 86 -12.75 21.66 -7.92
CA HIS G 86 -12.92 21.33 -9.34
C HIS G 86 -11.81 20.42 -9.87
N LEU G 87 -10.55 20.76 -9.62
CA LEU G 87 -9.47 19.84 -10.00
C LEU G 87 -9.68 18.45 -9.44
N GLN G 88 -9.97 18.34 -8.14
CA GLN G 88 -10.19 17.02 -7.55
C GLN G 88 -11.29 16.27 -8.29
N LEU G 89 -12.40 16.94 -8.57
CA LEU G 89 -13.51 16.33 -9.29
C LEU G 89 -13.07 15.86 -10.67
N ALA G 90 -12.56 16.79 -11.48
CA ALA G 90 -12.02 16.45 -12.79
C ALA G 90 -11.14 15.22 -12.75
N ILE G 91 -10.05 15.26 -11.99
CA ILE G 91 -9.15 14.12 -11.90
C ILE G 91 -9.87 12.84 -11.50
N ARG G 92 -10.42 12.78 -10.29
CA ARG G 92 -11.00 11.50 -9.84
C ARG G 92 -12.08 10.97 -10.77
N ASN G 93 -12.89 11.85 -11.37
CA ASN G 93 -13.90 11.36 -12.30
C ASN G 93 -13.33 10.81 -13.59
N ASP G 94 -12.18 11.30 -14.02
CA ASP G 94 -11.51 10.72 -15.18
C ASP G 94 -10.65 9.54 -14.76
N GLU G 95 -10.87 8.38 -15.38
CA GLU G 95 -10.15 7.20 -14.94
C GLU G 95 -8.65 7.33 -15.21
N GLU G 96 -8.33 7.88 -16.38
CA GLU G 96 -6.96 7.81 -16.94
C GLU G 96 -6.02 8.61 -16.06
N LEU G 97 -6.46 9.79 -15.69
CA LEU G 97 -5.75 10.65 -14.75
C LEU G 97 -5.73 10.03 -13.37
N ASN G 98 -6.89 9.67 -12.85
CA ASN G 98 -6.92 9.01 -11.55
C ASN G 98 -5.86 7.93 -11.44
N LYS G 99 -5.63 7.18 -12.52
CA LYS G 99 -4.53 6.23 -12.54
C LYS G 99 -3.18 6.95 -12.46
N LEU G 100 -2.99 7.98 -13.28
CA LEU G 100 -1.77 8.79 -13.20
C LEU G 100 -1.57 9.38 -11.81
N LEU G 101 -2.59 10.04 -11.27
CA LEU G 101 -2.47 10.78 -10.02
C LEU G 101 -3.09 10.07 -8.84
N GLY G 102 -3.06 8.74 -8.82
CA GLY G 102 -3.72 8.03 -7.74
C GLY G 102 -3.05 8.13 -6.39
N ARG G 103 -1.73 8.25 -6.37
CA ARG G 103 -1.03 8.49 -5.11
C ARG G 103 -1.00 9.95 -4.67
N VAL G 104 -1.81 10.84 -5.24
CA VAL G 104 -1.64 12.26 -5.02
C VAL G 104 -2.78 12.78 -4.16
N THR G 105 -2.44 13.59 -3.17
CA THR G 105 -3.43 14.25 -2.32
C THR G 105 -3.39 15.73 -2.65
N ILE G 106 -4.53 16.26 -3.06
CA ILE G 106 -4.64 17.65 -3.51
C ILE G 106 -5.21 18.46 -2.36
N ALA G 107 -4.38 19.32 -1.78
CA ALA G 107 -4.83 20.16 -0.69
C ALA G 107 -6.11 20.88 -1.08
N GLN G 108 -7.03 21.01 -0.14
CA GLN G 108 -8.29 21.71 -0.33
C GLN G 108 -9.13 21.05 -1.42
N GLY G 109 -8.90 19.77 -1.68
CA GLY G 109 -9.62 19.07 -2.72
C GLY G 109 -10.84 18.33 -2.23
N GLY G 110 -10.83 17.96 -0.95
CA GLY G 110 -11.90 17.16 -0.40
C GLY G 110 -11.97 15.79 -1.03
N VAL G 111 -13.18 15.26 -1.21
CA VAL G 111 -13.44 13.88 -1.68
C VAL G 111 -14.54 13.88 -2.73
N LEU G 112 -14.52 12.91 -3.62
CA LEU G 112 -15.57 12.67 -4.60
C LEU G 112 -16.76 12.04 -3.90
N PRO G 113 -17.95 12.61 -4.00
CA PRO G 113 -19.12 12.08 -3.26
C PRO G 113 -19.38 10.62 -3.56
N ASN G 114 -19.32 9.78 -2.52
CA ASN G 114 -19.43 8.33 -2.67
C ASN G 114 -20.06 7.74 -1.41
N ILE G 115 -21.39 7.64 -1.42
CA ILE G 115 -22.12 6.92 -0.38
C ILE G 115 -22.35 5.50 -0.86
N GLN G 116 -21.69 4.53 -0.21
CA GLN G 116 -21.84 3.14 -0.59
C GLN G 116 -23.31 2.73 -0.58
N ALA G 117 -23.74 2.08 -1.67
CA ALA G 117 -25.13 1.66 -1.85
C ALA G 117 -25.76 1.08 -0.59
N VAL G 118 -25.08 0.16 0.06
CA VAL G 118 -25.64 -0.51 1.24
C VAL G 118 -26.07 0.50 2.29
N LEU G 119 -25.31 1.57 2.44
CA LEU G 119 -25.54 2.50 3.54
C LEU G 119 -26.87 3.24 3.41
N LEU G 120 -27.34 3.49 2.19
CA LEU G 120 -28.63 4.14 2.00
C LEU G 120 -29.78 3.29 2.53
N PRO G 121 -30.69 3.87 3.31
CA PRO G 121 -31.89 3.14 3.72
C PRO G 121 -32.84 2.93 2.55
N LYS G 122 -33.77 1.99 2.72
CA LYS G 122 -34.81 1.60 1.75
C LYS G 122 -36.21 1.52 2.37
N LYS H 34 14.74 44.36 -4.58
CA LYS H 34 15.27 43.27 -5.38
C LYS H 34 15.87 42.15 -4.53
N ARG H 35 15.25 40.98 -4.63
CA ARG H 35 15.53 39.76 -3.86
C ARG H 35 15.45 38.57 -4.81
N SER H 36 16.02 37.45 -4.35
CA SER H 36 15.97 36.21 -5.15
C SER H 36 14.52 35.94 -5.57
N ARG H 37 14.31 35.73 -6.85
CA ARG H 37 13.00 35.49 -7.44
C ARG H 37 12.84 34.01 -7.75
N LYS H 38 11.73 33.44 -7.28
CA LYS H 38 11.45 32.01 -7.44
C LYS H 38 10.65 31.73 -8.70
N GLU H 39 11.23 30.95 -9.62
CA GLU H 39 10.56 30.50 -10.83
C GLU H 39 9.37 29.57 -10.53
N SER H 40 8.31 29.74 -11.31
CA SER H 40 7.13 28.90 -11.36
C SER H 40 6.66 28.87 -12.80
N TYR H 41 5.57 28.15 -13.05
CA TYR H 41 4.99 28.03 -14.38
C TYR H 41 3.70 28.80 -14.56
N SER H 42 3.28 29.60 -13.58
CA SER H 42 1.91 30.10 -13.56
C SER H 42 1.48 30.68 -14.90
N ILE H 43 2.22 31.66 -15.40
CA ILE H 43 1.80 32.41 -16.58
C ILE H 43 1.49 31.49 -17.77
N TYR H 44 2.33 30.48 -18.00
CA TYR H 44 2.05 29.51 -19.04
C TYR H 44 0.75 28.76 -18.81
N VAL H 45 0.52 28.28 -17.59
CA VAL H 45 -0.75 27.63 -17.29
C VAL H 45 -1.90 28.56 -17.63
N TYR H 46 -1.79 29.81 -17.23
CA TYR H 46 -2.81 30.78 -17.52
C TYR H 46 -3.03 30.93 -19.02
N LYS H 47 -1.98 30.97 -19.84
CA LYS H 47 -2.15 31.04 -21.28
C LYS H 47 -2.91 29.83 -21.81
N VAL H 48 -2.43 28.63 -21.49
CA VAL H 48 -3.14 27.40 -21.84
C VAL H 48 -4.62 27.54 -21.52
N LEU H 49 -4.92 27.88 -20.27
CA LEU H 49 -6.31 27.98 -19.83
C LEU H 49 -7.13 28.91 -20.72
N LYS H 50 -6.60 30.10 -21.00
CA LYS H 50 -7.27 30.97 -21.97
C LYS H 50 -7.51 30.30 -23.31
N GLN H 51 -6.57 29.52 -23.84
CA GLN H 51 -6.84 28.77 -25.06
C GLN H 51 -7.98 27.77 -24.87
N VAL H 52 -8.13 27.19 -23.68
CA VAL H 52 -9.15 26.15 -23.50
C VAL H 52 -10.50 26.73 -23.08
N HIS H 53 -10.52 27.74 -22.21
CA HIS H 53 -11.77 28.27 -21.66
C HIS H 53 -11.66 29.78 -21.56
N PRO H 54 -11.76 30.48 -22.68
CA PRO H 54 -11.60 31.95 -22.67
C PRO H 54 -12.37 32.68 -21.58
N ASP H 55 -13.61 32.28 -21.27
CA ASP H 55 -14.42 32.91 -20.23
C ASP H 55 -13.95 32.58 -18.81
N THR H 56 -13.06 31.59 -18.62
CA THR H 56 -12.77 31.07 -17.29
C THR H 56 -11.46 31.63 -16.76
N GLY H 57 -11.45 31.93 -15.46
CA GLY H 57 -10.26 32.28 -14.73
C GLY H 57 -9.87 31.17 -13.77
N ILE H 58 -8.92 31.51 -12.89
CA ILE H 58 -8.33 30.49 -12.03
C ILE H 58 -7.83 31.16 -10.76
N SER H 59 -8.06 30.49 -9.63
CA SER H 59 -7.61 31.02 -8.36
C SER H 59 -6.13 30.76 -8.16
N SER H 60 -5.52 31.59 -7.31
CA SER H 60 -4.10 31.43 -6.99
C SER H 60 -3.81 30.04 -6.46
N LYS H 61 -4.62 29.56 -5.51
CA LYS H 61 -4.44 28.22 -4.97
C LYS H 61 -4.40 27.18 -6.08
N ALA H 62 -5.40 27.18 -6.96
CA ALA H 62 -5.36 26.33 -8.14
C ALA H 62 -4.02 26.42 -8.85
N MET H 63 -3.54 27.64 -9.10
CA MET H 63 -2.23 27.80 -9.72
C MET H 63 -1.13 27.12 -8.95
N GLY H 64 -1.13 27.21 -7.63
CA GLY H 64 -0.15 26.46 -6.86
C GLY H 64 -0.25 24.97 -7.08
N ILE H 65 -1.48 24.46 -7.12
CA ILE H 65 -1.69 23.07 -7.51
C ILE H 65 -1.04 22.78 -8.85
N MET H 66 -1.40 23.58 -9.87
CA MET H 66 -0.88 23.32 -11.25
C MET H 66 0.64 23.38 -11.25
N ASN H 67 1.23 24.40 -10.64
CA ASN H 67 2.67 24.47 -10.53
C ASN H 67 3.23 23.16 -10.01
N SER H 68 2.83 22.78 -8.81
CA SER H 68 3.28 21.51 -8.25
C SER H 68 3.06 20.35 -9.21
N PHE H 69 1.87 20.23 -9.77
CA PHE H 69 1.55 19.16 -10.71
C PHE H 69 2.53 19.10 -11.88
N VAL H 70 2.62 20.20 -12.63
CA VAL H 70 3.58 20.30 -13.73
C VAL H 70 4.95 19.86 -13.27
N ASN H 71 5.47 20.47 -12.21
CA ASN H 71 6.77 20.07 -11.71
C ASN H 71 6.84 18.57 -11.50
N ASP H 72 5.83 17.99 -10.87
CA ASP H 72 5.83 16.55 -10.59
C ASP H 72 5.88 15.72 -11.85
N ILE H 73 4.99 15.98 -12.79
CA ILE H 73 5.03 15.28 -14.09
C ILE H 73 6.40 15.42 -14.74
N PHE H 74 6.86 16.66 -14.87
CA PHE H 74 8.18 16.91 -15.42
C PHE H 74 9.25 16.07 -14.74
N GLU H 75 9.25 16.07 -13.42
CA GLU H 75 10.23 15.29 -12.69
C GLU H 75 10.11 13.82 -13.05
N ARG H 76 8.90 13.26 -13.03
CA ARG H 76 8.75 11.86 -13.37
C ARG H 76 9.31 11.55 -14.74
N ILE H 77 8.89 12.30 -15.76
CA ILE H 77 9.39 12.06 -17.11
C ILE H 77 10.89 12.19 -17.17
N ALA H 78 11.43 13.32 -16.75
CA ALA H 78 12.87 13.53 -16.81
C ALA H 78 13.64 12.43 -16.10
N GLY H 79 13.25 12.09 -14.88
CA GLY H 79 13.90 11.00 -14.17
C GLY H 79 13.84 9.68 -14.90
N GLU H 80 12.65 9.32 -15.40
CA GLU H 80 12.53 8.17 -16.28
C GLU H 80 13.50 8.22 -17.44
N ALA H 81 13.56 9.35 -18.14
CA ALA H 81 14.48 9.49 -19.25
C ALA H 81 15.91 9.24 -18.82
N SER H 82 16.36 9.95 -17.79
CA SER H 82 17.67 9.71 -17.19
C SER H 82 17.97 8.24 -16.97
N ARG H 83 17.11 7.56 -16.21
CA ARG H 83 17.36 6.15 -15.96
C ARG H 83 17.36 5.34 -17.24
N LEU H 84 16.38 5.56 -18.10
CA LEU H 84 16.31 4.83 -19.36
C LEU H 84 17.49 5.12 -20.28
N ALA H 85 18.23 6.19 -20.02
CA ALA H 85 19.42 6.47 -20.81
C ALA H 85 20.65 5.82 -20.21
N HIS H 86 20.75 5.81 -18.88
CA HIS H 86 21.83 5.06 -18.25
C HIS H 86 21.67 3.58 -18.53
N TYR H 87 20.41 3.12 -18.55
CA TYR H 87 20.09 1.72 -18.77
C TYR H 87 20.74 1.20 -20.05
N ASN H 88 20.73 2.04 -21.08
CA ASN H 88 21.31 1.77 -22.39
C ASN H 88 22.80 2.11 -22.49
N LYS H 89 23.50 2.46 -21.39
CA LYS H 89 24.88 2.96 -21.45
C LYS H 89 24.96 4.13 -22.41
N ARG H 90 23.88 4.89 -22.49
CA ARG H 90 23.73 5.98 -23.43
C ARG H 90 23.83 7.27 -22.63
N SER H 91 24.37 8.33 -23.23
CA SER H 91 24.59 9.55 -22.44
C SER H 91 23.55 10.63 -22.64
N THR H 92 22.79 10.66 -23.72
CA THR H 92 22.03 11.84 -24.15
C THR H 92 20.52 11.59 -24.24
N ILE H 93 19.69 12.41 -23.59
CA ILE H 93 18.25 12.33 -23.70
C ILE H 93 17.82 13.06 -24.96
N THR H 94 17.29 12.32 -25.91
CA THR H 94 16.79 12.83 -27.17
C THR H 94 15.29 12.57 -27.19
N SER H 95 14.62 13.05 -28.22
CA SER H 95 13.18 12.80 -28.35
C SER H 95 12.81 11.35 -28.09
N ARG H 96 13.63 10.40 -28.53
CA ARG H 96 13.30 9.01 -28.31
C ARG H 96 13.14 8.66 -26.83
N GLU H 97 14.04 9.15 -25.98
CA GLU H 97 13.92 8.84 -24.56
C GLU H 97 12.68 9.45 -23.94
N ILE H 98 12.42 10.73 -24.20
CA ILE H 98 11.19 11.33 -23.71
C ILE H 98 9.99 10.53 -24.15
N GLN H 99 9.88 10.26 -25.45
CA GLN H 99 8.78 9.47 -25.98
C GLN H 99 8.60 8.16 -25.21
N THR H 100 9.65 7.36 -25.11
CA THR H 100 9.58 6.13 -24.32
C THR H 100 9.10 6.38 -22.90
N ALA H 101 9.76 7.28 -22.19
CA ALA H 101 9.35 7.63 -20.83
C ALA H 101 7.87 7.94 -20.74
N VAL H 102 7.39 8.81 -21.63
CA VAL H 102 5.97 9.12 -21.71
C VAL H 102 5.14 7.85 -21.80
N ARG H 103 5.33 7.08 -22.88
CA ARG H 103 4.62 5.80 -23.00
C ARG H 103 4.61 5.00 -21.71
N LEU H 104 5.73 4.93 -21.01
CA LEU H 104 5.73 4.22 -19.73
C LEU H 104 4.81 4.86 -18.72
N LEU H 105 4.90 6.18 -18.53
CA LEU H 105 4.21 6.80 -17.40
C LEU H 105 2.73 7.01 -17.67
N LEU H 106 2.39 7.65 -18.76
CA LEU H 106 0.98 7.94 -18.99
C LEU H 106 0.25 6.68 -19.42
N PRO H 107 -0.88 6.35 -18.80
CA PRO H 107 -1.65 5.17 -19.19
C PRO H 107 -2.55 5.42 -20.40
N GLY H 108 -2.44 4.55 -21.40
CA GLY H 108 -3.31 4.54 -22.56
C GLY H 108 -3.57 5.83 -23.31
N GLU H 109 -4.83 6.23 -23.39
CA GLU H 109 -5.21 7.35 -24.24
C GLU H 109 -4.33 8.58 -24.03
N LEU H 110 -3.98 8.87 -22.78
CA LEU H 110 -2.98 9.90 -22.53
C LEU H 110 -1.69 9.61 -23.29
N ALA H 111 -1.13 8.42 -23.09
CA ALA H 111 0.07 8.03 -23.83
C ALA H 111 -0.06 8.33 -25.32
N LYS H 112 -1.08 7.77 -25.95
CA LYS H 112 -1.31 7.99 -27.38
C LYS H 112 -1.34 9.46 -27.75
N HIS H 113 -2.30 10.21 -27.21
CA HIS H 113 -2.43 11.61 -27.61
C HIS H 113 -1.18 12.42 -27.31
N ALA H 114 -0.62 12.27 -26.10
CA ALA H 114 0.60 12.97 -25.75
C ALA H 114 1.73 12.69 -26.74
N VAL H 115 2.04 11.42 -26.98
CA VAL H 115 3.03 11.06 -27.99
C VAL H 115 2.75 11.74 -29.33
N SER H 116 1.54 11.58 -29.85
CA SER H 116 1.19 12.20 -31.12
C SER H 116 1.47 13.69 -31.12
N GLU H 117 0.98 14.39 -30.10
CA GLU H 117 1.19 15.83 -30.00
C GLU H 117 2.68 16.18 -29.97
N GLY H 118 3.42 15.53 -29.09
CA GLY H 118 4.86 15.79 -29.01
C GLY H 118 5.54 15.62 -30.34
N THR H 119 5.27 14.49 -31.02
CA THR H 119 5.79 14.29 -32.36
C THR H 119 5.46 15.46 -33.26
N LYS H 120 4.19 15.83 -33.33
CA LYS H 120 3.78 16.99 -34.11
C LYS H 120 4.65 18.22 -33.82
N ALA H 121 4.72 18.58 -32.55
CA ALA H 121 5.50 19.74 -32.13
C ALA H 121 6.95 19.66 -32.56
N VAL H 122 7.62 18.56 -32.27
CA VAL H 122 9.03 18.46 -32.64
C VAL H 122 9.23 18.48 -34.14
N THR H 123 8.34 17.81 -34.90
CA THR H 123 8.31 17.98 -36.35
C THR H 123 8.31 19.44 -36.76
N LYS H 124 7.32 20.21 -36.28
CA LYS H 124 7.17 21.63 -36.61
C LYS H 124 8.44 22.39 -36.25
N TYR H 125 9.03 22.09 -35.09
CA TYR H 125 10.29 22.70 -34.69
C TYR H 125 11.40 22.43 -35.68
N THR H 126 11.59 21.18 -36.07
CA THR H 126 12.67 20.87 -37.00
C THR H 126 12.42 21.48 -38.37
N SER H 127 11.15 21.62 -38.76
CA SER H 127 10.84 22.16 -40.09
C SER H 127 11.31 23.60 -40.24
N ALA H 128 11.27 24.38 -39.16
CA ALA H 128 11.73 25.77 -39.24
C ALA H 128 13.10 25.93 -38.56
N GLY K 60 27.66 -1.56 19.74
CA GLY K 60 27.39 -3.00 19.72
C GLY K 60 26.56 -3.49 18.51
N LYS K 61 26.30 -4.79 18.46
CA LYS K 61 25.35 -5.42 17.52
C LYS K 61 23.91 -4.96 17.79
N ARG K 62 23.13 -4.87 16.72
CA ARG K 62 21.66 -4.79 16.76
C ARG K 62 21.02 -5.86 17.61
N GLU K 63 19.85 -5.56 18.16
CA GLU K 63 18.95 -6.63 18.61
C GLU K 63 18.02 -7.13 17.50
N LYS K 64 17.79 -8.45 17.45
CA LYS K 64 17.06 -9.10 16.37
C LYS K 64 15.53 -8.98 16.54
N LYS K 65 14.98 -7.77 16.36
CA LYS K 65 13.54 -7.47 16.52
C LYS K 65 12.66 -8.34 15.61
N LYS K 66 11.91 -9.29 16.18
CA LYS K 66 10.97 -10.14 15.43
C LYS K 66 9.81 -9.32 14.84
N VAL K 67 9.29 -9.76 13.69
CA VAL K 67 8.20 -9.01 13.00
C VAL K 67 6.87 -9.22 13.73
N GLU K 68 5.91 -8.30 13.56
CA GLU K 68 4.55 -8.48 14.15
C GLU K 68 3.57 -8.60 13.00
N ARG K 69 2.70 -9.61 13.01
CA ARG K 69 1.80 -9.85 11.84
C ARG K 69 0.34 -9.84 12.27
N LEU K 70 -0.56 -9.44 11.36
CA LEU K 70 -2.01 -9.39 11.70
C LEU K 70 -2.61 -10.77 11.48
N THR K 71 -3.01 -11.44 12.56
CA THR K 71 -3.63 -12.78 12.45
C THR K 71 -5.08 -12.67 12.93
N MET K 72 -6.04 -13.09 12.10
CA MET K 72 -7.47 -12.94 12.47
C MET K 72 -8.01 -14.31 12.89
N ALA K 85 -32.59 -26.00 33.53
CA ALA K 85 -33.15 -25.38 34.73
C ALA K 85 -33.87 -26.43 35.61
N GLN K 86 -33.45 -26.55 36.87
CA GLN K 86 -33.88 -27.61 37.78
C GLN K 86 -34.13 -27.07 39.20
N GLY K 87 -35.15 -26.22 39.33
CA GLY K 87 -35.59 -25.62 40.59
C GLY K 87 -36.40 -26.56 41.48
N LYS K 88 -37.33 -25.96 42.26
CA LYS K 88 -38.00 -26.59 43.42
C LYS K 88 -39.06 -27.66 43.09
N GLY K 89 -39.38 -27.90 41.82
CA GLY K 89 -40.37 -28.88 41.38
C GLY K 89 -39.81 -30.28 41.10
N GLN K 90 -40.70 -31.18 40.72
CA GLN K 90 -40.42 -32.51 40.15
C GLN K 90 -40.11 -32.37 38.65
N LYS K 91 -39.24 -33.20 38.05
CA LYS K 91 -38.92 -33.08 36.62
C LYS K 91 -40.15 -33.35 35.76
N LEU K 92 -40.28 -32.71 34.59
CA LEU K 92 -41.40 -32.99 33.67
C LEU K 92 -41.42 -34.45 33.16
N CYS K 93 -40.27 -35.14 33.14
CA CYS K 93 -40.18 -36.59 32.92
C CYS K 93 -40.54 -37.45 34.16
N GLU K 94 -40.38 -36.91 35.37
CA GLU K 94 -40.80 -37.56 36.62
C GLU K 94 -42.30 -37.35 36.90
N ILE K 95 -42.88 -36.23 36.47
CA ILE K 95 -44.33 -35.97 36.49
C ILE K 95 -44.95 -36.79 35.35
N GLU K 96 -45.41 -38.00 35.65
CA GLU K 96 -45.69 -39.03 34.64
C GLU K 96 -46.72 -38.56 33.61
N ARG K 97 -47.79 -37.84 34.00
CA ARG K 97 -48.75 -37.27 33.03
C ARG K 97 -48.11 -36.31 32.03
N ILE K 98 -47.20 -35.45 32.50
CA ILE K 98 -46.49 -34.53 31.62
C ILE K 98 -45.53 -35.31 30.74
N HIS K 99 -44.82 -36.31 31.27
CA HIS K 99 -44.00 -37.21 30.46
C HIS K 99 -44.81 -37.93 29.37
N PHE K 100 -46.02 -38.41 29.70
CA PHE K 100 -46.94 -38.99 28.73
C PHE K 100 -47.27 -37.98 27.63
N PHE K 101 -47.69 -36.76 27.95
CA PHE K 101 -47.93 -35.73 26.93
C PHE K 101 -46.68 -35.45 26.08
N LEU K 102 -45.51 -35.23 26.69
CA LEU K 102 -44.26 -34.99 25.97
C LEU K 102 -43.84 -36.18 25.08
N SER K 103 -44.24 -37.41 25.43
CA SER K 103 -44.01 -38.59 24.59
C SER K 103 -45.05 -38.75 23.46
N LYS K 104 -46.29 -38.32 23.68
CA LYS K 104 -47.42 -38.42 22.74
C LYS K 104 -47.38 -37.35 21.64
N LYS K 105 -47.07 -36.09 22.00
CA LYS K 105 -46.90 -34.99 21.04
C LYS K 105 -45.65 -35.20 20.17
N LYS K 106 -45.65 -34.68 18.94
CA LYS K 106 -44.43 -34.55 18.11
C LYS K 106 -43.45 -33.56 18.74
N THR K 107 -42.15 -33.76 18.57
CA THR K 107 -41.11 -32.94 19.21
C THR K 107 -41.21 -31.45 18.85
N ASP K 108 -41.70 -31.14 17.65
CA ASP K 108 -41.89 -29.75 17.17
C ASP K 108 -42.92 -28.94 18.00
N GLU K 109 -43.80 -29.58 18.77
CA GLU K 109 -44.72 -28.85 19.68
C GLU K 109 -44.00 -28.20 20.87
N LEU K 110 -42.84 -28.74 21.26
CA LEU K 110 -42.14 -28.37 22.49
C LEU K 110 -41.39 -27.04 22.41
N ARG K 111 -41.13 -26.52 21.20
CA ARG K 111 -40.26 -25.35 20.95
C ARG K 111 -40.69 -24.14 21.76
N ASN K 112 -42.00 -23.87 21.76
CA ASN K 112 -42.62 -22.75 22.46
C ASN K 112 -42.48 -22.89 23.99
N LEU K 113 -42.60 -24.08 24.54
CA LEU K 113 -42.32 -24.39 25.91
C LEU K 113 -40.86 -24.18 26.24
N HIS K 114 -39.93 -24.75 25.48
CA HIS K 114 -38.52 -24.54 25.79
C HIS K 114 -38.10 -23.06 25.72
N LYS K 115 -38.63 -22.30 24.74
CA LYS K 115 -38.50 -20.83 24.67
C LYS K 115 -38.92 -20.16 25.97
N LEU K 116 -40.06 -20.54 26.55
CA LEU K 116 -40.48 -20.05 27.86
C LEU K 116 -39.56 -20.54 29.00
N LEU K 117 -39.14 -21.81 28.98
CA LEU K 117 -38.34 -22.40 30.06
C LEU K 117 -36.96 -21.73 30.19
N TYR K 118 -36.27 -21.48 29.07
CA TYR K 118 -34.89 -20.97 29.06
C TYR K 118 -34.72 -19.54 28.52
N ASN K 119 -35.81 -18.86 28.11
CA ASN K 119 -35.78 -17.58 27.36
C ASN K 119 -35.16 -17.72 25.93
N ARG K 120 -34.88 -18.95 25.47
CA ARG K 120 -34.39 -19.25 24.11
C ARG K 120 -34.57 -20.76 23.82
N PRO K 121 -35.21 -21.16 22.72
CA PRO K 121 -35.32 -22.56 22.35
C PRO K 121 -33.98 -23.10 21.78
N GLY K 122 -33.62 -24.33 22.13
CA GLY K 122 -32.43 -25.03 21.61
C GLY K 122 -32.71 -25.86 20.37
N THR K 123 -31.80 -26.80 20.05
CA THR K 123 -31.94 -27.65 18.85
C THR K 123 -33.14 -28.59 18.95
N VAL K 124 -33.85 -28.85 17.85
CA VAL K 124 -34.96 -29.81 17.84
C VAL K 124 -34.50 -31.25 18.10
N SER K 125 -33.20 -31.54 17.92
CA SER K 125 -32.58 -32.81 18.34
C SER K 125 -32.58 -32.96 19.86
N SER K 126 -32.13 -31.94 20.61
CA SER K 126 -32.11 -31.97 22.07
C SER K 126 -33.43 -31.58 22.74
N LEU K 127 -34.36 -30.95 22.02
CA LEU K 127 -35.56 -30.32 22.55
C LEU K 127 -36.41 -31.20 23.49
N LYS K 128 -36.58 -32.48 23.17
CA LYS K 128 -37.28 -33.46 24.04
C LYS K 128 -36.60 -33.62 25.40
N LYS K 129 -35.27 -33.70 25.42
CA LYS K 129 -34.46 -33.70 26.65
C LYS K 129 -34.61 -32.38 27.39
N ASN K 130 -34.50 -31.26 26.67
CA ASN K 130 -34.50 -29.91 27.23
C ASN K 130 -35.78 -29.60 28.02
N VAL K 131 -36.94 -30.02 27.50
CA VAL K 131 -38.22 -29.90 28.23
C VAL K 131 -38.37 -30.99 29.29
N GLY K 132 -38.12 -32.27 28.96
CA GLY K 132 -38.33 -33.39 29.90
C GLY K 132 -37.50 -33.30 31.19
N GLN K 133 -36.25 -32.82 31.10
CA GLN K 133 -35.35 -32.66 32.25
C GLN K 133 -35.64 -31.42 33.13
N PHE K 134 -36.58 -30.56 32.76
CA PHE K 134 -36.90 -29.34 33.54
C PHE K 134 -37.61 -29.68 34.85
N SER K 135 -37.21 -29.08 35.98
CA SER K 135 -37.84 -29.30 37.30
C SER K 135 -38.32 -28.02 37.99
N GLY K 136 -38.81 -27.06 37.21
CA GLY K 136 -39.32 -25.80 37.72
C GLY K 136 -38.27 -24.69 37.73
N PHE K 137 -38.73 -23.44 37.78
CA PHE K 137 -37.84 -22.29 37.94
C PHE K 137 -37.26 -22.21 39.37
N PRO K 138 -35.99 -21.81 39.55
CA PRO K 138 -35.40 -21.52 40.87
C PRO K 138 -35.96 -20.24 41.54
N PHE K 139 -36.72 -19.44 40.79
CA PHE K 139 -37.17 -18.09 41.16
C PHE K 139 -38.39 -18.07 42.09
N GLU K 140 -38.99 -16.89 42.30
CA GLU K 140 -40.25 -16.70 43.02
C GLU K 140 -41.20 -15.79 42.24
N LYS K 141 -42.51 -16.06 42.29
CA LYS K 141 -43.52 -15.28 41.56
C LYS K 141 -43.57 -13.81 42.01
N GLY K 142 -43.80 -12.92 41.04
CA GLY K 142 -43.66 -11.46 41.17
C GLY K 142 -42.25 -10.90 40.93
N SER K 143 -41.20 -11.71 40.94
CA SER K 143 -39.79 -11.28 40.71
C SER K 143 -39.53 -10.87 39.25
N VAL K 144 -38.41 -10.18 38.97
CA VAL K 144 -38.05 -9.76 37.59
C VAL K 144 -37.93 -10.93 36.59
N GLN K 145 -37.46 -12.11 37.02
CA GLN K 145 -37.44 -13.30 36.17
C GLN K 145 -38.86 -13.82 35.89
N TYR K 146 -39.74 -13.86 36.90
CA TYR K 146 -41.18 -14.13 36.71
C TYR K 146 -41.81 -13.13 35.72
N LYS K 147 -41.53 -11.83 35.83
CA LYS K 147 -41.99 -10.82 34.86
C LYS K 147 -41.46 -11.11 33.46
N LYS K 148 -40.21 -11.56 33.33
CA LYS K 148 -39.62 -12.01 32.06
C LYS K 148 -40.31 -13.26 31.49
N LYS K 149 -40.81 -14.18 32.32
CA LYS K 149 -41.70 -15.27 31.88
C LYS K 149 -43.07 -14.74 31.41
N GLU K 150 -43.65 -13.79 32.14
CA GLU K 150 -44.89 -13.13 31.71
C GLU K 150 -44.74 -12.45 30.34
N GLU K 151 -43.59 -11.85 30.02
CA GLU K 151 -43.34 -11.29 28.69
C GLU K 151 -43.50 -12.32 27.58
N MET K 152 -42.85 -13.49 27.66
CA MET K 152 -43.05 -14.56 26.66
C MET K 152 -44.51 -15.01 26.60
N LEU K 153 -45.12 -15.31 27.76
CA LEU K 153 -46.50 -15.79 27.80
C LEU K 153 -47.51 -14.77 27.26
N LYS K 154 -47.32 -13.47 27.50
CA LYS K 154 -48.16 -12.39 26.93
C LYS K 154 -47.95 -12.22 25.42
N LYS K 155 -46.76 -12.53 24.91
CA LYS K 155 -46.40 -12.50 23.48
C LYS K 155 -46.80 -13.78 22.73
N PHE K 156 -47.27 -14.76 23.51
CA PHE K 156 -47.84 -15.97 22.89
C PHE K 156 -49.31 -15.69 22.59
N ARG K 157 -50.04 -16.65 22.05
CA ARG K 157 -51.46 -16.53 21.68
C ARG K 157 -52.32 -17.63 22.34
N ASN K 158 -53.60 -17.40 22.59
CA ASN K 158 -54.42 -18.25 23.48
C ASN K 158 -54.46 -19.73 23.06
N ALA K 159 -54.50 -20.07 21.77
CA ALA K 159 -54.46 -21.45 21.31
C ALA K 159 -53.18 -22.20 21.72
N MET K 160 -52.00 -21.63 21.46
CA MET K 160 -50.72 -22.22 21.89
C MET K 160 -50.57 -22.21 23.42
N LEU K 161 -51.08 -21.19 24.13
CA LEU K 161 -51.11 -21.16 25.60
C LEU K 161 -51.97 -22.30 26.18
N LYS K 162 -53.13 -22.60 25.58
CA LYS K 162 -53.97 -23.73 25.97
C LYS K 162 -53.34 -25.09 25.62
N SER K 163 -52.53 -25.17 24.56
CA SER K 163 -51.71 -26.35 24.28
C SER K 163 -50.60 -26.54 25.33
N ILE K 164 -49.93 -25.46 25.76
CA ILE K 164 -48.97 -25.47 26.88
C ILE K 164 -49.68 -25.90 28.17
N CYS K 165 -50.89 -25.43 28.43
CA CYS K 165 -51.71 -25.93 29.55
C CYS K 165 -51.94 -27.45 29.42
N GLU K 166 -52.42 -27.92 28.26
CA GLU K 166 -52.73 -29.32 28.03
C GLU K 166 -51.53 -30.25 28.27
N VAL K 167 -50.36 -29.97 27.69
CA VAL K 167 -49.18 -30.84 27.89
C VAL K 167 -48.64 -30.80 29.32
N LEU K 168 -48.89 -29.72 30.07
CA LEU K 168 -48.56 -29.62 31.49
C LEU K 168 -49.66 -30.21 32.41
N ASP K 169 -50.70 -30.85 31.85
CA ASP K 169 -51.89 -31.33 32.57
C ASP K 169 -52.66 -30.22 33.32
N LEU K 170 -52.55 -28.96 32.87
CA LEU K 170 -53.34 -27.83 33.34
C LEU K 170 -54.68 -27.77 32.56
N GLU K 171 -55.74 -27.35 33.23
CA GLU K 171 -57.07 -27.23 32.61
C GLU K 171 -57.09 -26.13 31.53
N ARG K 172 -57.82 -26.34 30.43
CA ARG K 172 -57.66 -25.54 29.20
C ARG K 172 -58.47 -24.22 29.15
N SER K 173 -59.18 -23.83 30.20
CA SER K 173 -59.91 -22.55 30.26
C SER K 173 -59.05 -21.39 30.78
N GLY K 174 -59.54 -20.16 30.60
CA GLY K 174 -58.93 -18.92 31.08
C GLY K 174 -58.83 -17.83 30.01
N VAL K 175 -59.03 -16.57 30.42
CA VAL K 175 -58.66 -15.36 29.65
C VAL K 175 -57.13 -15.28 29.53
N ASN K 176 -56.58 -14.58 28.53
CA ASN K 176 -55.14 -14.51 28.25
C ASN K 176 -54.25 -14.29 29.50
N SER K 177 -54.55 -13.29 30.32
CA SER K 177 -53.80 -12.99 31.56
C SER K 177 -53.91 -14.12 32.61
N GLU K 178 -55.03 -14.83 32.69
CA GLU K 178 -55.15 -16.03 33.52
C GLU K 178 -54.27 -17.16 32.98
N LEU K 179 -54.23 -17.38 31.66
CA LEU K 179 -53.34 -18.38 31.06
C LEU K 179 -51.87 -18.07 31.39
N VAL K 180 -51.45 -16.81 31.27
CA VAL K 180 -50.11 -16.33 31.67
C VAL K 180 -49.81 -16.73 33.11
N LYS K 181 -50.61 -16.25 34.08
CA LYS K 181 -50.32 -16.44 35.50
C LYS K 181 -50.44 -17.91 35.93
N ARG K 182 -51.41 -18.66 35.39
CA ARG K 182 -51.65 -20.07 35.77
C ARG K 182 -50.56 -21.00 35.25
N ILE K 183 -50.13 -20.86 33.99
CA ILE K 183 -48.96 -21.61 33.46
C ILE K 183 -47.72 -21.29 34.29
N LEU K 184 -47.47 -20.01 34.55
CA LEU K 184 -46.28 -19.55 35.26
C LEU K 184 -46.25 -19.98 36.75
N ASN K 185 -47.38 -19.91 37.45
CA ASN K 185 -47.50 -20.41 38.82
C ASN K 185 -47.19 -21.92 38.89
N PHE K 186 -47.63 -22.70 37.89
CA PHE K 186 -47.26 -24.10 37.79
C PHE K 186 -45.76 -24.28 37.49
N LEU K 187 -45.21 -23.64 36.46
CA LEU K 187 -43.79 -23.80 36.08
C LEU K 187 -42.81 -23.25 37.12
N MET K 188 -43.25 -22.42 38.07
CA MET K 188 -42.48 -22.07 39.26
C MET K 188 -42.28 -23.27 40.20
N HIS K 189 -43.27 -24.18 40.29
CA HIS K 189 -43.28 -25.36 41.16
C HIS K 189 -44.03 -26.55 40.51
N PRO K 190 -43.53 -27.14 39.40
CA PRO K 190 -44.23 -28.21 38.71
C PRO K 190 -44.22 -29.49 39.56
N LYS K 191 -45.41 -30.05 39.81
CA LYS K 191 -45.63 -31.21 40.69
C LYS K 191 -46.82 -32.06 40.18
N PRO K 192 -46.87 -33.37 40.50
CA PRO K 192 -47.98 -34.25 40.13
C PRO K 192 -49.29 -33.90 40.86
#